data_6CVU
#
_entry.id   6CVU
#
_cell.length_a   54.669
_cell.length_b   108.124
_cell.length_c   153.382
_cell.angle_alpha   90.000
_cell.angle_beta   90.000
_cell.angle_gamma   90.000
#
_symmetry.space_group_name_H-M   'P 21 21 21'
#
loop_
_entity.id
_entity.type
_entity.pdbx_description
1 polymer 'ATP-dependent dethiobiotin synthetase BioD'
2 non-polymer 'SULFATE ION'
3 non-polymer 4-AMINO-1-BETA-D-RIBOFURANOSYL-2(1H)-PYRIMIDINONE
4 water water
#
_entity_poly.entity_id   1
_entity_poly.type   'polypeptide(L)'
_entity_poly.pdbx_seq_one_letter_code
;MGHHHHHHGGTILVVTGTGTGVGKTVVCAALASAARQAGIDVAVCKPVQTGTARGDDDLAEVGRLAGVTQLAGLARYPQP
MAPAAAAEHAGMALPARDQIVRLIADLDRPGRLTLVEGAGGLLVELAEPGVTLRDVAVDVAAAALVVVTADLGTLNHTKL
TLEALAAQQVSCAGLVIGSWPDPPGLVAASNRSALARIAMVRAALPAGAASLDAGDFAAMSAAAFDRNWVAGLVG
;
_entity_poly.pdbx_strand_id   A,B,C,D
#
loop_
_chem_comp.id
_chem_comp.type
_chem_comp.name
_chem_comp.formula
CTN non-polymer 4-AMINO-1-BETA-D-RIBOFURANOSYL-2(1H)-PYRIMIDINONE 'C9 H13 N3 O5'
SO4 non-polymer 'SULFATE ION' 'O4 S -2'
#
# COMPACT_ATOMS: atom_id res chain seq x y z
N GLY A 9 -11.88 -20.76 6.19
CA GLY A 9 -10.66 -20.70 6.98
C GLY A 9 -10.56 -19.56 8.00
N GLY A 10 -9.43 -19.48 8.69
CA GLY A 10 -9.15 -18.43 9.64
C GLY A 10 -8.16 -17.42 9.10
N THR A 11 -7.33 -16.87 9.99
CA THR A 11 -6.30 -15.92 9.57
C THR A 11 -4.91 -16.53 9.72
N ILE A 12 -4.16 -16.53 8.62
CA ILE A 12 -2.80 -17.05 8.57
C ILE A 12 -1.84 -15.86 8.49
N LEU A 13 -0.81 -15.89 9.34
CA LEU A 13 0.24 -14.86 9.35
C LEU A 13 1.59 -15.53 9.24
N VAL A 14 2.40 -15.13 8.29
CA VAL A 14 3.80 -15.55 8.31
C VAL A 14 4.59 -14.52 9.12
N VAL A 15 5.36 -15.01 10.08
CA VAL A 15 6.27 -14.19 10.86
C VAL A 15 7.66 -14.36 10.23
N THR A 16 8.19 -13.27 9.68
CA THR A 16 9.50 -13.25 9.08
C THR A 16 10.34 -12.13 9.71
N GLY A 17 11.64 -12.15 9.42
CA GLY A 17 12.54 -11.15 9.96
C GLY A 17 13.45 -10.62 8.88
N THR A 18 13.99 -9.41 9.12
CA THR A 18 14.91 -8.82 8.15
C THR A 18 16.28 -9.49 8.15
N GLY A 19 16.47 -10.49 9.00
CA GLY A 19 17.77 -11.07 9.23
C GLY A 19 17.65 -12.19 10.25
N THR A 20 18.80 -12.71 10.66
CA THR A 20 18.85 -13.81 11.60
C THR A 20 19.17 -13.28 12.99
N GLY A 21 18.53 -13.86 14.00
CA GLY A 21 18.73 -13.40 15.35
C GLY A 21 18.06 -12.07 15.69
N VAL A 22 16.88 -11.80 15.12
CA VAL A 22 16.17 -10.55 15.37
C VAL A 22 15.07 -10.69 16.42
N GLY A 23 14.84 -11.90 16.93
CA GLY A 23 13.80 -12.17 17.88
C GLY A 23 12.48 -12.66 17.30
N LYS A 24 12.49 -13.30 16.12
CA LYS A 24 11.24 -13.79 15.53
C LYS A 24 10.50 -14.72 16.47
N THR A 25 11.24 -15.63 17.11
CA THR A 25 10.60 -16.67 17.91
C THR A 25 9.89 -16.08 19.13
N VAL A 26 10.48 -15.07 19.78
CA VAL A 26 9.78 -14.51 20.93
C VAL A 26 8.71 -13.52 20.48
N VAL A 27 8.83 -12.93 19.30
CA VAL A 27 7.72 -12.15 18.74
C VAL A 27 6.54 -13.07 18.48
N CYS A 28 6.81 -14.19 17.81
CA CYS A 28 5.85 -15.27 17.63
C CYS A 28 5.11 -15.60 18.92
N ALA A 29 5.89 -15.91 19.96
CA ALA A 29 5.33 -16.22 21.27
C ALA A 29 4.54 -15.04 21.83
N ALA A 30 5.07 -13.82 21.70
CA ALA A 30 4.36 -12.66 22.24
C ALA A 30 3.00 -12.49 21.58
N LEU A 31 2.96 -12.48 20.25
CA LEU A 31 1.67 -12.29 19.59
C LEU A 31 0.72 -13.44 19.88
N ALA A 32 1.26 -14.66 20.06
CA ALA A 32 0.42 -15.77 20.44
C ALA A 32 -0.16 -15.56 21.83
N SER A 33 0.68 -15.14 22.78
CA SER A 33 0.21 -14.88 24.13
C SER A 33 -0.80 -13.74 24.15
N ALA A 34 -0.54 -12.67 23.39
CA ALA A 34 -1.50 -11.58 23.31
C ALA A 34 -2.80 -12.00 22.65
N ALA A 35 -2.74 -12.90 21.67
CA ALA A 35 -3.95 -13.28 20.95
C ALA A 35 -4.79 -14.28 21.74
N ARG A 36 -4.14 -15.17 22.49
CA ARG A 36 -4.86 -16.00 23.45
C ARG A 36 -5.63 -15.15 24.44
N GLN A 37 -4.98 -14.11 24.98
CA GLN A 37 -5.60 -13.23 25.95
C GLN A 37 -6.74 -12.40 25.37
N ALA A 38 -6.90 -12.33 24.05
CA ALA A 38 -8.08 -11.75 23.45
C ALA A 38 -9.10 -12.81 23.05
N GLY A 39 -8.94 -14.03 23.54
CA GLY A 39 -9.88 -15.09 23.26
C GLY A 39 -9.74 -15.68 21.87
N ILE A 40 -8.57 -15.56 21.26
CA ILE A 40 -8.33 -16.06 19.92
C ILE A 40 -7.56 -17.37 20.04
N ASP A 41 -8.02 -18.37 19.30
CA ASP A 41 -7.38 -19.68 19.24
C ASP A 41 -6.15 -19.56 18.35
N VAL A 42 -4.99 -19.95 18.88
CA VAL A 42 -3.70 -19.72 18.25
C VAL A 42 -3.06 -21.06 17.94
N ALA A 43 -2.58 -21.22 16.70
CA ALA A 43 -1.71 -22.31 16.29
C ALA A 43 -0.40 -21.74 15.78
N VAL A 44 0.72 -22.37 16.14
CA VAL A 44 2.05 -21.90 15.76
C VAL A 44 2.78 -22.99 14.98
N CYS A 45 3.26 -22.65 13.78
CA CYS A 45 3.79 -23.60 12.81
C CYS A 45 5.20 -23.20 12.36
N LYS A 46 6.17 -24.06 12.67
CA LYS A 46 7.56 -23.88 12.25
C LYS A 46 7.92 -25.00 11.28
N PRO A 47 7.74 -24.80 9.97
CA PRO A 47 7.91 -25.93 9.03
C PRO A 47 9.35 -26.38 8.83
N VAL A 48 10.34 -25.52 9.02
CA VAL A 48 11.73 -25.90 8.88
C VAL A 48 12.48 -25.41 10.12
N GLN A 49 13.09 -26.33 10.84
CA GLN A 49 13.90 -26.03 12.02
C GLN A 49 15.30 -26.59 11.81
N THR A 50 16.30 -25.74 11.92
CA THR A 50 17.71 -26.14 11.86
C THR A 50 18.31 -26.09 13.26
N GLY A 51 19.57 -26.52 13.36
CA GLY A 51 20.29 -26.45 14.61
C GLY A 51 19.76 -27.32 15.75
N THR A 52 18.98 -28.36 15.47
CA THR A 52 18.46 -29.18 16.56
C THR A 52 19.58 -29.83 17.39
N ALA A 53 20.69 -30.22 16.73
CA ALA A 53 21.81 -30.79 17.47
C ALA A 53 22.40 -29.84 18.51
N ARG A 54 22.15 -28.54 18.38
CA ARG A 54 22.62 -27.57 19.37
C ARG A 54 21.54 -27.22 20.38
N GLY A 55 20.37 -27.87 20.31
CA GLY A 55 19.27 -27.61 21.20
C GLY A 55 18.21 -26.69 20.61
N ASP A 56 18.46 -26.09 19.45
CA ASP A 56 17.52 -25.13 18.88
C ASP A 56 16.18 -25.81 18.66
N ASP A 57 15.13 -25.21 19.22
CA ASP A 57 13.77 -25.69 19.00
C ASP A 57 12.84 -24.50 19.27
N ASP A 58 12.42 -23.83 18.20
CA ASP A 58 11.60 -22.62 18.32
C ASP A 58 10.17 -22.96 18.72
N LEU A 59 9.60 -24.05 18.17
CA LEU A 59 8.28 -24.49 18.60
C LEU A 59 8.23 -24.73 20.10
N ALA A 60 9.23 -25.43 20.63
CA ALA A 60 9.31 -25.68 22.07
C ALA A 60 9.32 -24.38 22.86
N GLU A 61 10.19 -23.43 22.48
CA GLU A 61 10.29 -22.16 23.21
C GLU A 61 8.99 -21.38 23.18
N VAL A 62 8.22 -21.47 22.10
CA VAL A 62 6.92 -20.78 22.08
C VAL A 62 5.98 -21.40 23.10
N GLY A 63 5.99 -22.74 23.23
CA GLY A 63 5.20 -23.37 24.27
C GLY A 63 5.58 -22.92 25.67
N ARG A 64 6.89 -22.79 25.93
CA ARG A 64 7.35 -22.40 27.26
C ARG A 64 7.03 -20.94 27.60
N LEU A 65 6.99 -20.07 26.59
CA LEU A 65 6.79 -18.64 26.84
C LEU A 65 5.34 -18.23 26.70
N ALA A 66 4.62 -18.82 25.75
CA ALA A 66 3.27 -18.41 25.40
C ALA A 66 2.20 -19.38 25.87
N GLY A 67 2.60 -20.52 26.42
CA GLY A 67 1.64 -21.54 26.82
C GLY A 67 0.84 -22.13 25.67
N VAL A 68 1.33 -22.02 24.44
CA VAL A 68 0.60 -22.58 23.30
C VAL A 68 0.84 -24.08 23.25
N THR A 69 -0.22 -24.84 22.93
CA THR A 69 -0.12 -26.27 22.71
C THR A 69 -0.30 -26.69 21.26
N GLN A 70 -1.03 -25.90 20.45
CA GLN A 70 -1.20 -26.21 19.05
C GLN A 70 0.08 -25.82 18.30
N LEU A 71 1.10 -26.67 18.46
CA LEU A 71 2.42 -26.50 17.86
C LEU A 71 2.58 -27.50 16.72
N ALA A 72 3.05 -27.02 15.56
CA ALA A 72 3.16 -27.86 14.37
C ALA A 72 4.55 -27.72 13.76
N GLY A 73 5.28 -28.83 13.69
CA GLY A 73 6.55 -28.90 13.00
C GLY A 73 6.50 -29.75 11.74
N LEU A 74 7.67 -29.93 11.14
CA LEU A 74 7.77 -30.75 9.94
C LEU A 74 9.21 -31.21 9.75
N ALA A 75 10.07 -30.33 9.25
CA ALA A 75 11.47 -30.64 8.98
C ALA A 75 12.37 -30.19 10.14
N ARG A 76 13.22 -31.11 10.64
CA ARG A 76 14.25 -30.82 11.65
C ARG A 76 15.64 -31.27 11.16
N TYR A 77 16.63 -30.38 11.26
CA TYR A 77 17.99 -30.67 10.82
C TYR A 77 18.99 -30.33 11.93
N PRO A 78 20.02 -31.18 12.12
CA PRO A 78 20.92 -30.98 13.26
C PRO A 78 21.75 -29.71 13.19
N GLN A 79 22.36 -29.40 12.02
CA GLN A 79 23.38 -28.35 11.99
C GLN A 79 22.74 -26.96 11.97
N PRO A 80 23.27 -26.01 12.77
CA PRO A 80 22.75 -24.61 12.78
C PRO A 80 23.24 -23.82 11.56
N MET A 81 22.56 -24.02 10.45
CA MET A 81 22.94 -23.47 9.16
C MET A 81 21.68 -23.10 8.42
N ALA A 82 21.83 -22.46 7.25
CA ALA A 82 20.68 -22.29 6.39
C ALA A 82 20.10 -23.67 6.08
N PRO A 83 18.76 -23.79 5.98
CA PRO A 83 18.14 -25.12 5.78
C PRO A 83 18.74 -25.96 4.65
N ALA A 84 18.99 -25.35 3.49
CA ALA A 84 19.61 -26.08 2.39
C ALA A 84 20.94 -26.69 2.81
N ALA A 85 21.77 -25.94 3.55
CA ALA A 85 23.06 -26.45 3.99
C ALA A 85 22.91 -27.44 5.14
N ALA A 86 21.99 -27.18 6.07
CA ALA A 86 21.79 -28.13 7.16
C ALA A 86 21.26 -29.47 6.64
N ALA A 87 20.32 -29.44 5.69
CA ALA A 87 19.82 -30.69 5.13
C ALA A 87 20.96 -31.47 4.47
N GLU A 88 21.68 -30.83 3.53
CA GLU A 88 22.73 -31.54 2.80
C GLU A 88 23.79 -32.10 3.74
N HIS A 89 24.19 -31.33 4.76
CA HIS A 89 25.17 -31.85 5.71
C HIS A 89 24.68 -33.12 6.41
N ALA A 90 23.37 -33.36 6.43
CA ALA A 90 22.79 -34.51 7.11
C ALA A 90 22.24 -35.55 6.14
N GLY A 91 22.52 -35.41 4.84
CA GLY A 91 22.02 -36.38 3.88
C GLY A 91 20.52 -36.39 3.69
N MET A 92 19.81 -35.45 4.30
CA MET A 92 18.36 -35.32 4.19
C MET A 92 17.98 -34.32 3.10
N ALA A 93 16.74 -34.41 2.65
CA ALA A 93 16.20 -33.49 1.67
C ALA A 93 15.37 -32.41 2.37
N LEU A 94 15.26 -31.25 1.70
CA LEU A 94 14.30 -30.25 2.13
C LEU A 94 12.89 -30.81 1.92
N PRO A 95 11.89 -30.28 2.63
CA PRO A 95 10.51 -30.65 2.31
C PRO A 95 10.10 -30.09 0.95
N ALA A 96 8.97 -30.59 0.44
CA ALA A 96 8.37 -30.04 -0.77
C ALA A 96 7.48 -28.86 -0.40
N ARG A 97 7.33 -27.94 -1.36
CA ARG A 97 6.40 -26.82 -1.22
C ARG A 97 5.04 -27.27 -0.68
N ASP A 98 4.42 -28.26 -1.35
CA ASP A 98 3.08 -28.73 -0.97
C ASP A 98 3.06 -29.38 0.40
N GLN A 99 4.16 -30.00 0.82
CA GLN A 99 4.18 -30.52 2.19
C GLN A 99 4.08 -29.41 3.21
N ILE A 100 4.63 -28.23 2.91
CA ILE A 100 4.60 -27.13 3.87
C ILE A 100 3.23 -26.46 3.85
N VAL A 101 2.71 -26.16 2.66
CA VAL A 101 1.37 -25.61 2.53
C VAL A 101 0.34 -26.53 3.16
N ARG A 102 0.47 -27.84 2.95
CA ARG A 102 -0.45 -28.77 3.59
C ARG A 102 -0.39 -28.65 5.10
N LEU A 103 0.83 -28.52 5.66
CA LEU A 103 0.93 -28.41 7.11
C LEU A 103 0.19 -27.19 7.63
N ILE A 104 0.18 -26.12 6.83
CA ILE A 104 -0.45 -24.86 7.24
C ILE A 104 -1.96 -24.91 7.06
N ALA A 105 -2.41 -25.27 5.86
CA ALA A 105 -3.85 -25.32 5.60
C ALA A 105 -4.56 -26.31 6.52
N ASP A 106 -3.87 -27.35 6.99
CA ASP A 106 -4.48 -28.28 7.93
C ASP A 106 -4.73 -27.65 9.28
N LEU A 107 -3.81 -26.80 9.74
CA LEU A 107 -3.98 -26.06 10.99
C LEU A 107 -5.05 -24.98 10.86
N ASP A 108 -5.15 -24.35 9.68
CA ASP A 108 -6.12 -23.29 9.47
C ASP A 108 -7.54 -23.78 9.74
N ARG A 109 -8.39 -22.86 10.19
CA ARG A 109 -9.79 -23.06 10.56
C ARG A 109 -10.35 -21.73 11.03
N PRO A 110 -11.64 -21.47 10.86
CA PRO A 110 -12.17 -20.11 11.14
C PRO A 110 -12.12 -19.76 12.62
N GLY A 111 -11.94 -18.45 12.88
CA GLY A 111 -11.66 -17.95 14.20
C GLY A 111 -10.27 -18.25 14.76
N ARG A 112 -9.43 -18.98 14.04
CA ARG A 112 -8.09 -19.31 14.49
C ARG A 112 -7.05 -18.34 13.91
N LEU A 113 -6.11 -17.92 14.76
CA LEU A 113 -4.89 -17.26 14.28
C LEU A 113 -3.82 -18.33 14.15
N THR A 114 -3.33 -18.55 12.92
CA THR A 114 -2.25 -19.49 12.65
C THR A 114 -1.00 -18.70 12.32
N LEU A 115 0.04 -18.89 13.14
CA LEU A 115 1.34 -18.22 12.96
C LEU A 115 2.36 -19.17 12.33
N VAL A 116 2.96 -18.74 11.22
CA VAL A 116 3.94 -19.52 10.48
C VAL A 116 5.30 -18.83 10.62
N GLU A 117 6.16 -19.37 11.47
CA GLU A 117 7.48 -18.81 11.68
C GLU A 117 8.45 -19.36 10.61
N GLY A 118 9.17 -18.45 9.95
CA GLY A 118 10.13 -18.85 8.93
C GLY A 118 11.47 -19.29 9.52
N ALA A 119 12.40 -19.64 8.61
CA ALA A 119 13.77 -19.95 9.00
C ALA A 119 14.66 -18.77 8.58
N GLY A 120 15.20 -18.04 9.56
CA GLY A 120 15.92 -16.83 9.19
C GLY A 120 15.04 -15.87 8.41
N GLY A 121 15.64 -15.20 7.42
CA GLY A 121 14.98 -14.14 6.70
C GLY A 121 14.00 -14.60 5.63
N LEU A 122 13.45 -13.62 4.90
CA LEU A 122 12.31 -13.89 4.01
C LEU A 122 12.67 -14.77 2.83
N LEU A 123 13.82 -14.56 2.20
CA LEU A 123 14.14 -15.29 0.97
C LEU A 123 15.02 -16.50 1.21
N VAL A 124 15.19 -16.90 2.47
CA VAL A 124 15.82 -18.18 2.77
C VAL A 124 15.03 -19.29 2.09
N GLU A 125 15.74 -20.29 1.56
CA GLU A 125 15.10 -21.39 0.86
C GLU A 125 14.61 -22.43 1.87
N LEU A 126 13.31 -22.71 1.83
CA LEU A 126 12.69 -23.72 2.68
C LEU A 126 12.35 -25.00 1.94
N ALA A 127 12.13 -24.93 0.64
CA ALA A 127 11.86 -26.11 -0.15
C ALA A 127 12.53 -25.92 -1.50
N GLU A 128 12.82 -27.05 -2.16
CA GLU A 128 13.41 -27.01 -3.50
C GLU A 128 12.35 -26.61 -4.54
N PRO A 129 12.69 -25.76 -5.51
CA PRO A 129 13.95 -25.07 -5.84
C PRO A 129 13.87 -23.55 -5.69
N GLY A 130 14.52 -23.01 -4.67
CA GLY A 130 14.32 -21.60 -4.39
C GLY A 130 12.94 -21.24 -3.86
N VAL A 131 12.25 -22.19 -3.24
CA VAL A 131 10.97 -21.91 -2.59
C VAL A 131 11.24 -21.25 -1.24
N THR A 132 10.57 -20.14 -0.99
CA THR A 132 10.79 -19.31 0.21
C THR A 132 9.50 -19.17 1.00
N LEU A 133 9.66 -18.67 2.24
CA LEU A 133 8.50 -18.26 3.01
C LEU A 133 7.58 -17.35 2.21
N ARG A 134 8.14 -16.49 1.36
CA ARG A 134 7.29 -15.57 0.59
C ARG A 134 6.40 -16.30 -0.41
N ASP A 135 6.90 -17.39 -1.04
CA ASP A 135 6.04 -18.16 -1.93
C ASP A 135 4.96 -18.90 -1.15
N VAL A 136 5.33 -19.40 0.03
CA VAL A 136 4.37 -20.03 0.92
C VAL A 136 3.30 -19.02 1.35
N ALA A 137 3.69 -17.75 1.53
CA ALA A 137 2.72 -16.72 1.87
C ALA A 137 1.68 -16.62 0.78
N VAL A 138 2.13 -16.63 -0.47
CA VAL A 138 1.23 -16.53 -1.61
C VAL A 138 0.29 -17.72 -1.66
N ASP A 139 0.83 -18.93 -1.49
CA ASP A 139 0.00 -20.13 -1.58
C ASP A 139 -1.13 -20.09 -0.56
N VAL A 140 -0.81 -19.98 0.73
CA VAL A 140 -1.85 -19.98 1.76
C VAL A 140 -2.51 -18.63 1.88
N ALA A 141 -2.17 -17.68 1.01
CA ALA A 141 -2.71 -16.33 1.07
C ALA A 141 -2.54 -15.73 2.49
N ALA A 142 -1.29 -15.62 2.92
CA ALA A 142 -1.00 -15.04 4.22
C ALA A 142 -0.38 -13.65 4.09
N ALA A 143 -0.68 -12.79 5.06
CA ALA A 143 0.09 -11.57 5.24
C ALA A 143 1.36 -11.86 6.05
N ALA A 144 2.27 -10.90 6.06
CA ALA A 144 3.58 -11.09 6.67
C ALA A 144 3.80 -10.03 7.75
N LEU A 145 4.10 -10.50 8.96
CA LEU A 145 4.58 -9.64 10.04
C LEU A 145 6.10 -9.72 10.05
N VAL A 146 6.75 -8.56 9.95
CA VAL A 146 8.20 -8.46 9.75
C VAL A 146 8.84 -8.01 11.06
N VAL A 147 9.74 -8.83 11.59
CA VAL A 147 10.48 -8.52 12.80
C VAL A 147 11.82 -7.88 12.39
N VAL A 148 12.16 -6.76 13.05
CA VAL A 148 13.29 -5.90 12.70
C VAL A 148 14.14 -5.66 13.96
N THR A 149 15.33 -5.08 13.75
CA THR A 149 16.09 -4.53 14.88
C THR A 149 15.96 -3.01 14.94
N ALA A 150 16.49 -2.44 16.01
CA ALA A 150 16.64 -0.99 16.10
C ALA A 150 18.07 -0.54 15.85
N ASP A 151 18.93 -1.44 15.39
CA ASP A 151 20.35 -1.17 15.28
C ASP A 151 20.67 -0.63 13.91
N LEU A 152 21.88 -0.09 13.77
CA LEU A 152 22.32 0.42 12.48
C LEU A 152 22.19 -0.64 11.39
N GLY A 153 21.81 -0.21 10.18
CA GLY A 153 21.52 -1.11 9.11
C GLY A 153 20.08 -1.59 9.02
N THR A 154 19.24 -1.31 10.04
CA THR A 154 17.88 -1.85 10.05
C THR A 154 17.04 -1.28 8.92
N LEU A 155 17.26 -0.03 8.55
CA LEU A 155 16.37 0.62 7.61
C LEU A 155 16.53 0.02 6.24
N ASN A 156 17.77 -0.19 5.81
CA ASN A 156 18.01 -0.83 4.52
C ASN A 156 17.41 -2.21 4.50
N HIS A 157 17.66 -3.02 5.55
CA HIS A 157 17.16 -4.39 5.60
C HIS A 157 15.64 -4.42 5.63
N THR A 158 15.03 -3.51 6.41
CA THR A 158 13.58 -3.44 6.47
C THR A 158 12.99 -3.10 5.11
N LYS A 159 13.55 -2.09 4.46
CA LYS A 159 13.04 -1.66 3.15
C LYS A 159 13.21 -2.74 2.11
N LEU A 160 14.33 -3.45 2.14
CA LEU A 160 14.50 -4.57 1.21
C LEU A 160 13.45 -5.65 1.44
N THR A 161 13.17 -5.98 2.71
CA THR A 161 12.21 -7.05 3.00
C THR A 161 10.81 -6.64 2.59
N LEU A 162 10.48 -5.37 2.80
CA LEU A 162 9.18 -4.86 2.41
C LEU A 162 9.03 -4.83 0.90
N GLU A 163 10.08 -4.40 0.19
CA GLU A 163 10.02 -4.42 -1.26
C GLU A 163 9.82 -5.84 -1.79
N ALA A 164 10.49 -6.82 -1.19
CA ALA A 164 10.31 -8.19 -1.66
C ALA A 164 8.91 -8.72 -1.36
N LEU A 165 8.30 -8.29 -0.23
CA LEU A 165 6.91 -8.64 0.02
C LEU A 165 6.00 -8.07 -1.07
N ALA A 166 6.10 -6.76 -1.32
CA ALA A 166 5.20 -6.10 -2.29
C ALA A 166 5.32 -6.72 -3.68
N ALA A 167 6.53 -7.11 -4.09
CA ALA A 167 6.74 -7.61 -5.44
C ALA A 167 5.96 -8.88 -5.75
N GLN A 168 5.47 -9.59 -4.72
CA GLN A 168 4.56 -10.72 -4.90
C GLN A 168 3.20 -10.44 -4.29
N GLN A 169 2.90 -9.17 -4.00
CA GLN A 169 1.58 -8.77 -3.48
C GLN A 169 1.24 -9.47 -2.17
N VAL A 170 2.24 -9.75 -1.34
CA VAL A 170 2.01 -10.27 0.01
C VAL A 170 1.86 -9.09 0.95
N SER A 171 0.83 -9.12 1.78
CA SER A 171 0.46 -7.97 2.60
C SER A 171 1.37 -7.86 3.80
N CYS A 172 1.76 -6.62 4.11
CA CYS A 172 2.55 -6.31 5.28
C CYS A 172 1.61 -6.06 6.45
N ALA A 173 1.63 -6.96 7.43
CA ALA A 173 0.88 -6.77 8.64
C ALA A 173 1.54 -5.76 9.57
N GLY A 174 2.76 -5.34 9.27
CA GLY A 174 3.46 -4.38 10.09
C GLY A 174 4.81 -4.90 10.57
N LEU A 175 5.46 -4.07 11.36
CA LEU A 175 6.75 -4.42 11.93
C LEU A 175 6.61 -4.65 13.42
N VAL A 176 7.61 -5.34 13.97
CA VAL A 176 7.81 -5.49 15.40
C VAL A 176 9.30 -5.36 15.64
N ILE A 177 9.70 -4.39 16.43
CA ILE A 177 11.09 -4.36 16.89
C ILE A 177 11.23 -5.50 17.89
N GLY A 178 11.95 -6.54 17.51
CA GLY A 178 11.94 -7.76 18.29
C GLY A 178 12.65 -7.65 19.63
N SER A 179 13.61 -6.75 19.76
CA SER A 179 14.35 -6.54 21.00
C SER A 179 14.55 -5.04 21.15
N TRP A 180 13.90 -4.45 22.14
CA TRP A 180 13.98 -3.01 22.37
C TRP A 180 14.76 -2.73 23.64
N PRO A 181 15.84 -1.97 23.56
CA PRO A 181 16.65 -1.69 24.76
C PRO A 181 16.07 -0.59 25.64
N ASP A 182 16.18 -0.77 26.95
CA ASP A 182 15.93 0.31 27.89
C ASP A 182 17.18 0.54 28.73
N PRO A 183 17.78 1.74 28.70
CA PRO A 183 17.24 2.84 27.90
C PRO A 183 17.75 2.80 26.46
N PRO A 184 16.94 3.33 25.54
CA PRO A 184 17.39 3.38 24.14
C PRO A 184 18.57 4.33 23.95
N GLY A 185 19.58 3.86 23.21
CA GLY A 185 20.60 4.75 22.73
C GLY A 185 20.05 5.76 21.71
N LEU A 186 20.93 6.66 21.29
CA LEU A 186 20.54 7.64 20.28
C LEU A 186 20.22 6.97 18.95
N VAL A 187 21.10 6.05 18.50
CA VAL A 187 20.88 5.30 17.26
C VAL A 187 19.53 4.57 17.29
N ALA A 188 19.29 3.77 18.33
CA ALA A 188 18.02 3.06 18.49
C ALA A 188 16.82 3.98 18.41
N ALA A 189 16.93 5.18 18.99
CA ALA A 189 15.77 6.05 19.05
C ALA A 189 15.43 6.61 17.67
N SER A 190 16.44 7.03 16.90
CA SER A 190 16.16 7.54 15.55
C SER A 190 15.62 6.43 14.67
N ASN A 191 16.18 5.21 14.81
CA ASN A 191 15.71 4.10 13.99
C ASN A 191 14.26 3.79 14.27
N ARG A 192 13.87 3.81 15.55
CA ARG A 192 12.46 3.59 15.87
C ARG A 192 11.56 4.62 15.19
N SER A 193 11.95 5.89 15.21
CA SER A 193 11.17 6.92 14.52
C SER A 193 11.16 6.68 13.02
N ALA A 194 12.33 6.38 12.44
CA ALA A 194 12.40 6.20 11.00
C ALA A 194 11.63 4.96 10.56
N LEU A 195 11.54 3.95 11.44
CA LEU A 195 10.81 2.75 11.11
C LEU A 195 9.30 3.03 11.04
N ALA A 196 8.79 3.87 11.95
CA ALA A 196 7.36 4.21 11.94
C ALA A 196 6.95 5.01 10.71
N ARG A 197 7.87 5.80 10.12
CA ARG A 197 7.59 6.46 8.85
C ARG A 197 7.55 5.48 7.69
N ILE A 198 8.13 4.29 7.87
CA ILE A 198 8.16 3.27 6.84
C ILE A 198 6.89 2.43 6.87
N ALA A 199 6.39 2.14 8.06
CA ALA A 199 5.31 1.18 8.23
C ALA A 199 4.83 1.30 9.68
N MET A 200 3.81 0.53 10.02
CA MET A 200 3.27 0.58 11.37
C MET A 200 4.08 -0.34 12.28
N VAL A 201 4.48 0.18 13.45
CA VAL A 201 5.26 -0.59 14.42
C VAL A 201 4.29 -1.17 15.43
N ARG A 202 3.87 -2.43 15.21
CA ARG A 202 2.86 -3.03 16.06
C ARG A 202 3.34 -3.25 17.48
N ALA A 203 4.65 -3.30 17.71
CA ALA A 203 5.14 -3.56 19.06
C ALA A 203 6.64 -3.37 19.09
N ALA A 204 7.18 -3.23 20.30
CA ALA A 204 8.62 -3.17 20.55
C ALA A 204 8.89 -3.98 21.81
N LEU A 205 9.27 -5.24 21.66
CA LEU A 205 9.38 -6.15 22.81
C LEU A 205 10.62 -5.81 23.64
N PRO A 206 10.49 -5.71 24.96
CA PRO A 206 11.67 -5.43 25.81
C PRO A 206 12.71 -6.55 25.75
N ALA A 207 13.96 -6.13 25.62
CA ALA A 207 15.06 -7.09 25.62
C ALA A 207 15.00 -7.97 26.87
N GLY A 208 15.48 -9.21 26.73
CA GLY A 208 15.37 -10.18 27.80
C GLY A 208 13.99 -10.80 27.95
N ALA A 209 13.04 -10.44 27.09
CA ALA A 209 11.69 -10.98 27.18
C ALA A 209 11.66 -12.51 27.23
N ALA A 210 12.69 -13.16 26.72
CA ALA A 210 12.76 -14.62 26.65
C ALA A 210 13.18 -15.25 27.96
N SER A 211 13.69 -14.46 28.91
CA SER A 211 13.97 -14.95 30.26
C SER A 211 12.82 -14.72 31.22
N LEU A 212 11.72 -14.13 30.75
CA LEU A 212 10.52 -13.97 31.57
C LEU A 212 9.82 -15.31 31.79
N ASP A 213 9.17 -15.44 32.95
CA ASP A 213 8.37 -16.62 33.27
C ASP A 213 6.99 -16.49 32.62
N ALA A 214 6.16 -17.50 32.84
CA ALA A 214 4.89 -17.58 32.11
C ALA A 214 4.04 -16.34 32.31
N GLY A 215 3.82 -15.95 33.56
CA GLY A 215 2.96 -14.81 33.82
C GLY A 215 3.58 -13.50 33.38
N ASP A 216 4.88 -13.32 33.62
CA ASP A 216 5.55 -12.11 33.21
C ASP A 216 5.52 -11.95 31.69
N PHE A 217 5.72 -13.04 30.96
CA PHE A 217 5.66 -12.95 29.50
C PHE A 217 4.25 -12.61 29.03
N ALA A 218 3.24 -13.27 29.60
CA ALA A 218 1.87 -12.97 29.21
C ALA A 218 1.52 -11.52 29.47
N ALA A 219 1.93 -10.98 30.63
CA ALA A 219 1.72 -9.58 30.93
C ALA A 219 2.44 -8.70 29.91
N MET A 220 3.74 -8.94 29.74
CA MET A 220 4.53 -8.26 28.73
C MET A 220 3.85 -8.29 27.36
N SER A 221 3.40 -9.47 26.93
CA SER A 221 2.79 -9.59 25.61
C SER A 221 1.52 -8.76 25.49
N ALA A 222 0.65 -8.82 26.51
CA ALA A 222 -0.59 -8.05 26.45
C ALA A 222 -0.33 -6.55 26.35
N ALA A 223 0.72 -6.07 27.02
CA ALA A 223 1.07 -4.65 26.91
C ALA A 223 1.82 -4.33 25.62
N ALA A 224 2.56 -5.28 25.04
CA ALA A 224 3.38 -4.96 23.87
C ALA A 224 2.54 -4.54 22.67
N PHE A 225 1.45 -5.27 22.40
CA PHE A 225 0.61 -5.04 21.23
C PHE A 225 -0.65 -4.27 21.60
N ASP A 226 -1.14 -3.50 20.62
CA ASP A 226 -2.46 -2.88 20.69
C ASP A 226 -3.56 -3.95 20.63
N ARG A 227 -4.31 -4.08 21.73
CA ARG A 227 -5.47 -4.97 21.82
C ARG A 227 -6.35 -4.94 20.57
N ASN A 228 -6.65 -3.74 20.08
CA ASN A 228 -7.57 -3.60 18.96
C ASN A 228 -6.99 -4.18 17.68
N TRP A 229 -5.70 -3.96 17.44
CA TRP A 229 -5.04 -4.60 16.30
C TRP A 229 -5.08 -6.12 16.44
N VAL A 230 -4.70 -6.62 17.61
CA VAL A 230 -4.69 -8.07 17.82
C VAL A 230 -6.06 -8.64 17.54
N ALA A 231 -7.12 -8.05 18.13
CA ALA A 231 -8.46 -8.57 17.93
C ALA A 231 -8.91 -8.47 16.47
N GLY A 232 -8.53 -7.40 15.78
CA GLY A 232 -8.93 -7.22 14.39
C GLY A 232 -8.29 -8.15 13.38
N LEU A 233 -7.36 -9.04 13.79
CA LEU A 233 -6.71 -9.95 12.85
C LEU A 233 -7.60 -11.14 12.51
N VAL A 234 -8.55 -11.47 13.39
CA VAL A 234 -9.46 -12.58 13.18
C VAL A 234 -10.88 -12.04 13.22
N GLY A 235 -11.67 -12.38 12.21
CA GLY A 235 -13.04 -11.90 12.15
C GLY A 235 -14.10 -12.97 12.14
N GLY B 9 31.17 8.41 -21.67
CA GLY B 9 32.55 8.63 -21.27
C GLY B 9 33.32 7.37 -20.87
N GLY B 10 33.28 7.01 -19.59
CA GLY B 10 33.97 5.84 -19.10
C GLY B 10 33.06 4.83 -18.42
N THR B 11 33.60 4.12 -17.43
CA THR B 11 32.86 3.11 -16.67
C THR B 11 32.54 3.63 -15.27
N ILE B 12 31.27 3.56 -14.89
CA ILE B 12 30.84 3.96 -13.56
C ILE B 12 30.26 2.74 -12.85
N LEU B 13 30.95 2.32 -11.80
CA LEU B 13 30.58 1.16 -10.99
C LEU B 13 30.13 1.67 -9.63
N VAL B 14 28.90 1.37 -9.24
CA VAL B 14 28.50 1.67 -7.87
C VAL B 14 28.86 0.48 -7.00
N VAL B 15 29.40 0.76 -5.83
CA VAL B 15 29.77 -0.25 -4.87
C VAL B 15 28.82 -0.11 -3.69
N THR B 16 28.00 -1.12 -3.47
CA THR B 16 27.01 -1.14 -2.41
C THR B 16 27.23 -2.37 -1.53
N GLY B 17 26.66 -2.32 -0.33
CA GLY B 17 26.69 -3.45 0.56
C GLY B 17 25.32 -3.99 0.94
N THR B 18 25.28 -5.25 1.37
CA THR B 18 24.07 -5.84 1.96
C THR B 18 23.78 -5.28 3.35
N GLY B 19 24.64 -4.42 3.86
CA GLY B 19 24.54 -3.97 5.23
C GLY B 19 25.71 -3.08 5.55
N THR B 20 25.70 -2.58 6.78
CA THR B 20 26.81 -1.81 7.27
C THR B 20 27.85 -2.73 7.91
N GLY B 21 29.10 -2.30 7.90
CA GLY B 21 30.17 -3.07 8.50
C GLY B 21 30.52 -4.37 7.81
N VAL B 22 30.41 -4.41 6.48
CA VAL B 22 30.70 -5.62 5.70
C VAL B 22 32.00 -5.48 4.90
N GLY B 23 32.79 -4.44 5.13
CA GLY B 23 34.02 -4.25 4.38
C GLY B 23 33.87 -3.51 3.07
N LYS B 24 32.78 -2.75 2.89
CA LYS B 24 32.53 -2.04 1.63
C LYS B 24 33.67 -1.08 1.27
N THR B 25 34.23 -0.37 2.24
CA THR B 25 35.28 0.61 1.93
C THR B 25 36.58 -0.08 1.50
N VAL B 26 37.00 -1.09 2.28
CA VAL B 26 38.17 -1.90 1.91
C VAL B 26 38.00 -2.49 0.51
N VAL B 27 36.80 -2.98 0.19
CA VAL B 27 36.56 -3.53 -1.13
C VAL B 27 36.73 -2.45 -2.19
N CYS B 28 36.20 -1.26 -1.93
CA CYS B 28 36.40 -0.14 -2.83
C CYS B 28 37.87 0.12 -3.05
N ALA B 29 38.63 0.27 -1.95
CA ALA B 29 40.08 0.43 -2.02
C ALA B 29 40.72 -0.68 -2.85
N ALA B 30 40.40 -1.94 -2.52
CA ALA B 30 41.04 -3.08 -3.17
C ALA B 30 40.73 -3.11 -4.66
N LEU B 31 39.47 -2.89 -5.05
CA LEU B 31 39.17 -2.84 -6.48
C LEU B 31 39.89 -1.66 -7.14
N ALA B 32 39.96 -0.51 -6.46
CA ALA B 32 40.69 0.63 -7.03
C ALA B 32 42.16 0.29 -7.21
N SER B 33 42.76 -0.37 -6.21
CA SER B 33 44.17 -0.77 -6.30
C SER B 33 44.40 -1.72 -7.46
N ALA B 34 43.62 -2.81 -7.51
CA ALA B 34 43.72 -3.76 -8.61
C ALA B 34 43.57 -3.08 -9.97
N ALA B 35 42.61 -2.16 -10.09
CA ALA B 35 42.35 -1.49 -11.37
C ALA B 35 43.51 -0.57 -11.75
N ARG B 36 44.07 0.14 -10.78
CA ARG B 36 45.23 0.97 -11.07
C ARG B 36 46.38 0.11 -11.59
N GLN B 37 46.64 -0.99 -10.90
CA GLN B 37 47.76 -1.87 -11.27
C GLN B 37 47.57 -2.54 -12.62
N ALA B 38 46.38 -2.46 -13.23
CA ALA B 38 46.18 -2.77 -14.63
C ALA B 38 46.29 -1.52 -15.50
N GLY B 39 46.84 -0.44 -14.96
CA GLY B 39 46.95 0.81 -15.70
C GLY B 39 45.64 1.48 -16.00
N ILE B 40 44.65 1.36 -15.11
CA ILE B 40 43.39 2.08 -15.27
C ILE B 40 43.45 3.30 -14.36
N ASP B 41 43.02 4.44 -14.90
CA ASP B 41 42.76 5.65 -14.12
C ASP B 41 41.51 5.43 -13.27
N VAL B 42 41.64 5.60 -11.94
CA VAL B 42 40.55 5.32 -11.01
C VAL B 42 40.20 6.60 -10.24
N ALA B 43 38.92 6.94 -10.21
CA ALA B 43 38.42 7.87 -9.22
C ALA B 43 37.44 7.15 -8.30
N VAL B 44 37.33 7.64 -7.07
CA VAL B 44 36.37 7.14 -6.10
C VAL B 44 35.53 8.31 -5.60
N CYS B 45 34.20 8.20 -5.74
CA CYS B 45 33.25 9.19 -5.26
C CYS B 45 32.39 8.60 -4.15
N LYS B 46 32.47 9.19 -2.96
CA LYS B 46 31.55 8.86 -1.87
C LYS B 46 30.74 10.10 -1.52
N PRO B 47 29.57 10.27 -2.13
CA PRO B 47 28.79 11.50 -1.94
C PRO B 47 28.56 11.88 -0.49
N VAL B 48 28.02 10.95 0.31
CA VAL B 48 27.68 11.17 1.71
C VAL B 48 28.53 10.25 2.58
N GLN B 49 29.08 10.80 3.66
CA GLN B 49 29.80 10.06 4.69
C GLN B 49 29.17 10.32 6.04
N THR B 50 29.15 9.30 6.89
CA THR B 50 28.76 9.48 8.29
C THR B 50 29.81 8.86 9.20
N GLY B 51 29.59 9.02 10.50
CA GLY B 51 30.50 8.45 11.47
C GLY B 51 31.85 9.12 11.55
N THR B 52 32.00 10.34 11.03
CA THR B 52 33.28 11.03 11.12
C THR B 52 33.55 11.63 12.49
N ALA B 53 32.65 11.44 13.46
CA ALA B 53 33.03 11.71 14.84
C ALA B 53 34.06 10.68 15.30
N ARG B 54 33.69 9.40 15.30
CA ARG B 54 34.56 8.33 15.77
C ARG B 54 35.68 8.08 14.76
N GLY B 55 36.39 9.12 14.37
CA GLY B 55 37.54 9.02 13.48
C GLY B 55 37.26 8.31 12.18
N ASP B 56 36.66 9.00 11.22
CA ASP B 56 36.40 8.38 9.93
C ASP B 56 36.88 9.27 8.79
N ASP B 57 36.36 8.96 7.61
CA ASP B 57 36.67 9.46 6.27
C ASP B 57 37.02 8.24 5.44
N ASP B 58 36.02 7.65 4.81
CA ASP B 58 36.30 6.48 4.01
C ASP B 58 37.09 6.85 2.77
N LEU B 59 36.98 8.09 2.29
CA LEU B 59 37.78 8.51 1.15
C LEU B 59 39.25 8.54 1.53
N ALA B 60 39.59 9.13 2.68
CA ALA B 60 40.97 9.05 3.19
C ALA B 60 41.45 7.60 3.30
N GLU B 61 40.62 6.70 3.82
CA GLU B 61 41.00 5.30 3.88
C GLU B 61 41.34 4.73 2.49
N VAL B 62 40.51 5.05 1.49
CA VAL B 62 40.81 4.58 0.14
C VAL B 62 42.10 5.20 -0.36
N GLY B 63 42.35 6.47 -0.04
CA GLY B 63 43.58 7.09 -0.47
C GLY B 63 44.79 6.43 0.15
N ARG B 64 44.70 6.13 1.46
N ARG B 64 44.69 6.11 1.45
CA ARG B 64 45.84 5.50 2.13
CA ARG B 64 45.83 5.50 2.14
C ARG B 64 46.06 4.08 1.59
C ARG B 64 46.06 4.08 1.64
N LEU B 65 45.00 3.27 1.54
CA LEU B 65 45.16 1.89 1.11
C LEU B 65 45.53 1.80 -0.36
N ALA B 66 44.80 2.52 -1.20
CA ALA B 66 44.85 2.34 -2.65
C ALA B 66 45.67 3.39 -3.37
N GLY B 67 45.98 4.52 -2.74
CA GLY B 67 46.71 5.59 -3.40
C GLY B 67 45.93 6.40 -4.41
N VAL B 68 44.59 6.25 -4.46
CA VAL B 68 43.76 7.09 -5.32
C VAL B 68 43.90 8.56 -4.91
N THR B 69 43.95 9.45 -5.90
CA THR B 69 43.96 10.88 -5.59
C THR B 69 42.68 11.57 -5.99
N GLN B 70 41.99 11.09 -7.02
CA GLN B 70 40.70 11.67 -7.37
C GLN B 70 39.68 11.09 -6.39
N LEU B 71 39.50 11.81 -5.28
CA LEU B 71 38.65 11.44 -4.15
C LEU B 71 37.59 12.52 -3.99
N ALA B 72 36.34 12.20 -4.30
CA ALA B 72 35.29 13.21 -4.38
C ALA B 72 34.18 12.89 -3.40
N GLY B 73 33.66 13.94 -2.74
CA GLY B 73 32.57 13.81 -1.78
C GLY B 73 31.89 15.15 -1.60
N LEU B 74 30.70 15.13 -0.99
CA LEU B 74 29.87 16.32 -0.86
C LEU B 74 29.48 16.66 0.57
N ALA B 75 29.33 15.64 1.42
CA ALA B 75 28.76 15.82 2.75
C ALA B 75 29.39 14.82 3.71
N ARG B 76 29.48 15.24 4.98
CA ARG B 76 30.11 14.44 6.02
C ARG B 76 29.40 14.77 7.31
N TYR B 77 28.83 13.75 7.98
CA TYR B 77 28.18 13.91 9.26
C TYR B 77 28.91 13.12 10.33
N PRO B 78 29.01 13.65 11.55
CA PRO B 78 29.82 12.98 12.57
C PRO B 78 29.16 11.75 13.16
N GLN B 79 27.82 11.72 13.19
CA GLN B 79 27.08 10.68 13.90
C GLN B 79 27.16 9.35 13.16
N PRO B 80 27.41 8.24 13.88
CA PRO B 80 27.40 6.90 13.27
C PRO B 80 25.98 6.39 13.01
N MET B 81 25.27 7.09 12.13
CA MET B 81 23.91 6.72 11.76
C MET B 81 23.79 6.80 10.26
N ALA B 82 22.68 6.28 9.73
CA ALA B 82 22.44 6.44 8.31
C ALA B 82 22.41 7.93 7.98
N PRO B 83 22.79 8.31 6.72
CA PRO B 83 22.72 9.71 6.30
C PRO B 83 21.53 10.50 6.86
N ALA B 84 20.31 10.09 6.49
CA ALA B 84 19.11 10.85 6.81
C ALA B 84 19.00 11.14 8.30
N ALA B 85 19.33 10.15 9.14
CA ALA B 85 19.30 10.34 10.58
C ALA B 85 20.48 11.15 11.09
N ALA B 86 21.65 11.00 10.48
CA ALA B 86 22.77 11.87 10.82
C ALA B 86 22.52 13.30 10.36
N ALA B 87 21.96 13.45 9.15
CA ALA B 87 21.55 14.76 8.67
C ALA B 87 20.47 15.37 9.57
N GLU B 88 19.45 14.58 9.91
CA GLU B 88 18.39 15.07 10.79
C GLU B 88 18.96 15.50 12.13
N HIS B 89 19.75 14.65 12.76
CA HIS B 89 20.37 15.01 14.02
C HIS B 89 21.26 16.23 13.89
N ALA B 90 21.77 16.51 12.68
CA ALA B 90 22.73 17.59 12.49
C ALA B 90 22.08 18.95 12.41
N GLY B 91 20.80 19.00 12.02
CA GLY B 91 20.18 20.23 11.62
C GLY B 91 20.47 20.63 10.19
N MET B 92 21.04 19.74 9.38
CA MET B 92 21.52 20.09 8.05
C MET B 92 21.13 19.01 7.06
N ALA B 93 20.55 19.43 5.93
CA ALA B 93 19.95 18.50 4.99
C ALA B 93 21.01 17.69 4.25
N LEU B 94 20.55 16.61 3.61
CA LEU B 94 21.40 15.84 2.72
C LEU B 94 21.57 16.60 1.40
N PRO B 95 22.64 16.31 0.65
CA PRO B 95 22.78 16.91 -0.67
C PRO B 95 21.57 16.65 -1.55
N ALA B 96 21.46 17.43 -2.62
CA ALA B 96 20.41 17.19 -3.59
C ALA B 96 20.80 16.04 -4.51
N ARG B 97 19.78 15.33 -5.00
CA ARG B 97 20.01 14.32 -6.02
C ARG B 97 20.83 14.89 -7.16
N ASP B 98 20.53 16.14 -7.54
CA ASP B 98 21.25 16.82 -8.61
C ASP B 98 22.76 16.88 -8.34
N GLN B 99 23.14 17.36 -7.15
CA GLN B 99 24.56 17.48 -6.83
C GLN B 99 25.29 16.16 -7.05
N ILE B 100 24.70 15.04 -6.58
CA ILE B 100 25.36 13.74 -6.61
C ILE B 100 25.50 13.24 -8.03
N VAL B 101 24.41 13.25 -8.79
CA VAL B 101 24.45 12.77 -10.17
C VAL B 101 25.37 13.65 -11.03
N ARG B 102 25.32 14.97 -10.85
CA ARG B 102 26.20 15.85 -11.61
C ARG B 102 27.68 15.63 -11.26
N LEU B 103 27.97 15.44 -9.97
CA LEU B 103 29.35 15.16 -9.55
C LEU B 103 29.87 13.85 -10.15
N ILE B 104 29.05 12.79 -10.11
CA ILE B 104 29.48 11.51 -10.67
C ILE B 104 29.70 11.65 -12.17
N ALA B 105 28.84 12.40 -12.85
CA ALA B 105 29.01 12.61 -14.29
C ALA B 105 30.24 13.48 -14.58
N ASP B 106 30.54 14.47 -13.72
CA ASP B 106 31.74 15.27 -13.89
C ASP B 106 33.01 14.43 -13.75
N LEU B 107 33.01 13.47 -12.82
CA LEU B 107 34.14 12.57 -12.65
C LEU B 107 34.35 11.67 -13.87
N ASP B 108 33.25 11.18 -14.42
CA ASP B 108 33.27 10.13 -15.43
C ASP B 108 33.90 10.64 -16.72
N ARG B 109 35.02 10.04 -17.10
CA ARG B 109 35.72 10.38 -18.32
C ARG B 109 36.20 9.08 -18.98
N PRO B 110 36.48 9.11 -20.28
CA PRO B 110 36.98 7.90 -20.96
C PRO B 110 38.24 7.34 -20.30
N GLY B 111 38.30 6.02 -20.26
CA GLY B 111 39.43 5.30 -19.69
C GLY B 111 39.39 5.15 -18.19
N ARG B 112 38.45 5.80 -17.50
CA ARG B 112 38.45 5.91 -16.05
C ARG B 112 37.39 5.01 -15.45
N LEU B 113 37.81 4.16 -14.50
CA LEU B 113 36.87 3.47 -13.62
C LEU B 113 36.55 4.42 -12.48
N THR B 114 35.31 4.91 -12.44
CA THR B 114 34.84 5.75 -11.34
C THR B 114 33.98 4.86 -10.43
N LEU B 115 34.50 4.60 -9.24
CA LEU B 115 33.76 3.90 -8.21
C LEU B 115 32.91 4.87 -7.40
N VAL B 116 31.66 4.47 -7.14
CA VAL B 116 30.73 5.28 -6.36
C VAL B 116 30.39 4.48 -5.12
N GLU B 117 30.89 4.91 -3.97
CA GLU B 117 30.66 4.19 -2.72
C GLU B 117 29.39 4.69 -2.03
N GLY B 118 28.46 3.78 -1.75
CA GLY B 118 27.28 4.14 -1.01
C GLY B 118 27.52 4.37 0.47
N ALA B 119 26.52 4.92 1.13
CA ALA B 119 26.51 5.07 2.58
C ALA B 119 25.60 3.97 3.15
N GLY B 120 26.20 2.87 3.55
CA GLY B 120 25.44 1.74 4.06
C GLY B 120 24.99 0.83 2.93
N GLY B 121 23.72 0.41 3.01
CA GLY B 121 23.15 -0.49 2.03
C GLY B 121 22.44 0.22 0.90
N LEU B 122 21.98 -0.60 -0.06
CA LEU B 122 21.51 -0.10 -1.35
C LEU B 122 20.39 0.91 -1.25
N LEU B 123 19.52 0.79 -0.24
CA LEU B 123 18.24 1.46 -0.26
C LEU B 123 18.08 2.51 0.83
N VAL B 124 19.15 2.92 1.47
CA VAL B 124 19.03 4.02 2.41
C VAL B 124 18.98 5.33 1.65
N GLU B 125 18.30 6.29 2.27
CA GLU B 125 18.22 7.63 1.71
C GLU B 125 19.61 8.22 1.60
N LEU B 126 20.00 8.58 0.39
CA LEU B 126 21.28 9.22 0.13
C LEU B 126 21.14 10.71 -0.09
N ALA B 127 20.16 11.12 -0.91
CA ALA B 127 19.92 12.51 -1.23
C ALA B 127 18.48 12.96 -1.01
N GLU B 128 18.12 14.13 -1.56
CA GLU B 128 16.79 14.70 -1.49
C GLU B 128 16.10 14.65 -2.86
N PRO B 129 14.81 14.29 -2.88
CA PRO B 129 14.04 13.90 -1.70
C PRO B 129 13.82 12.39 -1.59
N GLY B 130 14.42 11.76 -0.58
CA GLY B 130 14.35 10.31 -0.45
C GLY B 130 14.95 9.57 -1.63
N VAL B 131 16.08 10.02 -2.10
CA VAL B 131 16.75 9.37 -3.22
C VAL B 131 17.75 8.38 -2.65
N THR B 132 17.89 7.24 -3.30
CA THR B 132 18.79 6.23 -2.79
C THR B 132 19.91 6.00 -3.80
N LEU B 133 20.92 5.28 -3.31
CA LEU B 133 21.98 4.81 -4.19
C LEU B 133 21.42 4.10 -5.42
N ARG B 134 20.28 3.41 -5.29
CA ARG B 134 19.69 2.74 -6.45
C ARG B 134 19.25 3.75 -7.50
N ASP B 135 18.54 4.79 -7.07
CA ASP B 135 18.17 5.85 -7.99
C ASP B 135 19.40 6.44 -8.69
N VAL B 136 20.50 6.63 -7.94
CA VAL B 136 21.72 7.19 -8.52
C VAL B 136 22.29 6.26 -9.58
N ALA B 137 22.34 4.96 -9.31
CA ALA B 137 22.90 4.02 -10.30
C ALA B 137 22.09 4.05 -11.59
N VAL B 138 20.76 4.16 -11.47
CA VAL B 138 19.90 4.28 -12.64
C VAL B 138 20.27 5.53 -13.44
N ASP B 139 20.34 6.69 -12.77
CA ASP B 139 20.53 7.96 -13.48
C ASP B 139 21.87 8.02 -14.22
N VAL B 140 22.90 7.32 -13.76
CA VAL B 140 24.19 7.39 -14.43
C VAL B 140 24.51 6.11 -15.21
N ALA B 141 23.52 5.22 -15.37
CA ALA B 141 23.67 3.94 -16.08
C ALA B 141 24.85 3.13 -15.54
N ALA B 142 24.87 2.93 -14.24
CA ALA B 142 25.97 2.26 -13.55
C ALA B 142 25.54 0.86 -13.17
N ALA B 143 26.40 -0.13 -13.42
CA ALA B 143 26.24 -1.41 -12.75
C ALA B 143 26.45 -1.25 -11.25
N ALA B 144 26.11 -2.30 -10.50
CA ALA B 144 26.32 -2.34 -9.06
C ALA B 144 27.13 -3.57 -8.70
N LEU B 145 28.14 -3.35 -7.87
CA LEU B 145 28.95 -4.41 -7.30
C LEU B 145 28.55 -4.54 -5.84
N VAL B 146 28.09 -5.72 -5.43
CA VAL B 146 27.45 -5.88 -4.14
C VAL B 146 28.46 -6.53 -3.18
N VAL B 147 28.76 -5.84 -2.08
CA VAL B 147 29.60 -6.39 -1.03
C VAL B 147 28.71 -7.16 -0.06
N VAL B 148 29.13 -8.39 0.28
CA VAL B 148 28.36 -9.34 1.06
C VAL B 148 29.28 -9.94 2.13
N THR B 149 28.67 -10.47 3.20
CA THR B 149 29.44 -11.23 4.18
C THR B 149 29.42 -12.71 3.84
N ALA B 150 30.09 -13.51 4.66
CA ALA B 150 30.03 -14.96 4.57
C ALA B 150 29.28 -15.57 5.73
N ASP B 151 28.74 -14.75 6.62
CA ASP B 151 28.11 -15.24 7.84
C ASP B 151 26.68 -15.69 7.57
N LEU B 152 26.12 -16.37 8.56
CA LEU B 152 24.72 -16.74 8.52
C LEU B 152 23.88 -15.52 8.20
N GLY B 153 22.94 -15.68 7.28
CA GLY B 153 22.06 -14.61 6.86
C GLY B 153 22.45 -13.96 5.56
N THR B 154 23.68 -14.22 5.06
CA THR B 154 24.15 -13.52 3.88
C THR B 154 23.31 -13.86 2.65
N LEU B 155 22.79 -15.11 2.58
CA LEU B 155 22.08 -15.51 1.38
C LEU B 155 20.76 -14.78 1.26
N ASN B 156 20.05 -14.60 2.37
CA ASN B 156 18.84 -13.77 2.35
C ASN B 156 19.18 -12.35 1.91
N HIS B 157 20.09 -11.71 2.63
CA HIS B 157 20.46 -10.32 2.34
C HIS B 157 20.94 -10.14 0.91
N THR B 158 21.60 -11.14 0.34
CA THR B 158 22.12 -11.02 -1.02
C THR B 158 21.03 -11.21 -2.06
N LYS B 159 20.12 -12.17 -1.87
CA LYS B 159 18.94 -12.25 -2.74
C LYS B 159 18.11 -10.97 -2.67
N LEU B 160 17.79 -10.51 -1.45
CA LEU B 160 17.06 -9.25 -1.25
C LEU B 160 17.70 -8.10 -2.03
N THR B 161 19.03 -7.99 -1.98
CA THR B 161 19.70 -6.88 -2.64
C THR B 161 19.73 -7.06 -4.16
N LEU B 162 19.99 -8.28 -4.64
CA LEU B 162 19.98 -8.54 -6.08
C LEU B 162 18.58 -8.36 -6.65
N GLU B 163 17.56 -8.78 -5.91
CA GLU B 163 16.19 -8.53 -6.32
C GLU B 163 15.91 -7.04 -6.42
N ALA B 164 16.42 -6.25 -5.46
CA ALA B 164 16.22 -4.81 -5.49
C ALA B 164 16.93 -4.18 -6.67
N LEU B 165 18.09 -4.73 -7.06
CA LEU B 165 18.79 -4.24 -8.26
C LEU B 165 18.00 -4.54 -9.53
N ALA B 166 17.67 -5.81 -9.77
CA ALA B 166 16.93 -6.20 -10.97
C ALA B 166 15.61 -5.46 -11.09
N ALA B 167 14.93 -5.22 -9.96
CA ALA B 167 13.65 -4.54 -9.96
C ALA B 167 13.71 -3.22 -10.73
N GLN B 168 14.84 -2.52 -10.67
CA GLN B 168 15.00 -1.25 -11.36
C GLN B 168 15.99 -1.34 -12.53
N GLN B 169 16.23 -2.55 -13.03
CA GLN B 169 17.07 -2.77 -14.21
C GLN B 169 18.48 -2.20 -14.01
N VAL B 170 18.99 -2.22 -12.78
CA VAL B 170 20.39 -1.92 -12.51
C VAL B 170 21.16 -3.22 -12.66
N SER B 171 22.12 -3.23 -13.58
CA SER B 171 22.89 -4.44 -13.79
C SER B 171 23.75 -4.77 -12.57
N CYS B 172 23.98 -6.06 -12.36
CA CYS B 172 24.77 -6.55 -11.24
C CYS B 172 26.13 -7.00 -11.75
N ALA B 173 27.18 -6.33 -11.28
CA ALA B 173 28.54 -6.59 -11.71
C ALA B 173 29.19 -7.73 -10.95
N GLY B 174 28.50 -8.27 -9.94
CA GLY B 174 28.95 -9.40 -9.17
C GLY B 174 28.97 -9.08 -7.68
N LEU B 175 29.45 -10.05 -6.92
CA LEU B 175 29.58 -9.92 -5.49
C LEU B 175 31.06 -9.97 -5.11
N VAL B 176 31.34 -9.39 -3.95
CA VAL B 176 32.62 -9.48 -3.30
C VAL B 176 32.36 -9.79 -1.84
N ILE B 177 33.00 -10.83 -1.33
CA ILE B 177 32.99 -11.10 0.10
C ILE B 177 33.95 -10.11 0.75
N GLY B 178 33.43 -9.23 1.59
CA GLY B 178 34.24 -8.16 2.17
C GLY B 178 35.28 -8.63 3.17
N SER B 179 34.97 -9.65 3.97
CA SER B 179 35.90 -10.17 4.98
C SER B 179 35.86 -11.69 4.96
N TRP B 180 36.91 -12.31 4.43
CA TRP B 180 37.03 -13.76 4.49
C TRP B 180 37.75 -14.17 5.77
N PRO B 181 37.13 -14.92 6.65
CA PRO B 181 37.73 -15.19 7.97
C PRO B 181 38.81 -16.26 7.88
N ASP B 182 39.68 -16.26 8.88
CA ASP B 182 40.71 -17.30 9.02
C ASP B 182 40.73 -17.80 10.44
N PRO B 183 40.47 -19.09 10.69
CA PRO B 183 40.12 -20.07 9.65
C PRO B 183 38.64 -19.97 9.24
N PRO B 184 38.29 -20.34 7.96
CA PRO B 184 36.94 -20.13 7.44
C PRO B 184 35.80 -20.44 8.41
N GLY B 185 35.62 -21.71 8.75
CA GLY B 185 34.51 -22.09 9.59
C GLY B 185 33.39 -22.71 8.78
N LEU B 186 32.45 -23.32 9.54
CA LEU B 186 31.48 -24.22 8.93
C LEU B 186 30.52 -23.47 8.02
N VAL B 187 29.92 -22.39 8.51
CA VAL B 187 28.91 -21.68 7.75
C VAL B 187 29.55 -20.85 6.63
N ALA B 188 30.71 -20.23 6.89
CA ALA B 188 31.39 -19.42 5.89
C ALA B 188 31.84 -20.25 4.68
N ALA B 189 32.40 -21.42 4.94
CA ALA B 189 32.75 -22.31 3.83
C ALA B 189 31.52 -22.63 2.98
N SER B 190 30.39 -22.96 3.63
CA SER B 190 29.19 -23.28 2.87
C SER B 190 28.69 -22.08 2.09
N ASN B 191 28.62 -20.92 2.75
CA ASN B 191 28.03 -19.76 2.11
C ASN B 191 28.81 -19.39 0.86
N ARG B 192 30.14 -19.53 0.90
CA ARG B 192 30.96 -19.18 -0.24
C ARG B 192 30.54 -19.95 -1.49
N SER B 193 30.37 -21.27 -1.33
N SER B 193 30.37 -21.27 -1.34
CA SER B 193 29.87 -22.08 -2.44
CA SER B 193 29.87 -22.05 -2.48
C SER B 193 28.46 -21.67 -2.83
C SER B 193 28.45 -21.65 -2.83
N ALA B 194 27.60 -21.42 -1.82
CA ALA B 194 26.22 -21.02 -2.09
C ALA B 194 26.17 -19.65 -2.76
N LEU B 195 26.92 -18.67 -2.22
CA LEU B 195 27.00 -17.35 -2.83
C LEU B 195 27.47 -17.45 -4.27
N ALA B 196 28.47 -18.29 -4.53
CA ALA B 196 28.94 -18.47 -5.91
C ALA B 196 27.83 -19.00 -6.82
N ARG B 197 26.79 -19.62 -6.26
CA ARG B 197 25.70 -20.12 -7.08
C ARG B 197 24.63 -19.07 -7.41
N ILE B 198 24.55 -17.96 -6.67
CA ILE B 198 23.66 -16.86 -7.08
C ILE B 198 24.34 -15.91 -8.06
N ALA B 199 25.62 -15.60 -7.86
CA ALA B 199 26.26 -14.57 -8.69
C ALA B 199 27.76 -14.81 -8.71
N MET B 200 28.43 -14.20 -9.70
CA MET B 200 29.89 -14.27 -9.78
C MET B 200 30.53 -13.65 -8.54
N VAL B 201 31.35 -14.43 -7.84
CA VAL B 201 32.15 -13.94 -6.70
C VAL B 201 33.47 -13.43 -7.26
N ARG B 202 33.57 -12.11 -7.41
CA ARG B 202 34.78 -11.54 -8.01
C ARG B 202 35.97 -11.67 -7.07
N ALA B 203 35.74 -11.72 -5.76
CA ALA B 203 36.83 -11.79 -4.80
C ALA B 203 36.30 -12.05 -3.40
N ALA B 204 37.17 -12.62 -2.57
CA ALA B 204 36.99 -12.73 -1.12
C ALA B 204 38.24 -12.15 -0.50
N LEU B 205 38.08 -11.09 0.29
CA LEU B 205 39.20 -10.33 0.79
C LEU B 205 39.57 -10.83 2.18
N PRO B 206 40.83 -11.18 2.41
CA PRO B 206 41.24 -11.64 3.75
C PRO B 206 40.83 -10.66 4.85
N ALA B 207 40.40 -11.21 5.97
CA ALA B 207 40.09 -10.38 7.12
C ALA B 207 41.34 -9.64 7.57
N GLY B 208 41.16 -8.40 8.04
CA GLY B 208 42.25 -7.58 8.53
C GLY B 208 43.03 -6.81 7.48
N ALA B 209 42.64 -6.90 6.20
CA ALA B 209 43.40 -6.25 5.12
C ALA B 209 43.42 -4.74 5.26
N ALA B 210 42.56 -4.17 6.10
CA ALA B 210 42.54 -2.73 6.35
C ALA B 210 43.82 -2.26 7.04
N SER B 211 44.43 -3.11 7.87
CA SER B 211 45.63 -2.74 8.63
C SER B 211 46.91 -2.79 7.81
N LEU B 212 46.83 -3.31 6.58
CA LEU B 212 48.00 -3.47 5.72
C LEU B 212 48.56 -2.13 5.24
N ASP B 213 49.89 -2.03 5.17
CA ASP B 213 50.51 -0.89 4.51
C ASP B 213 50.22 -0.92 2.99
N ALA B 214 50.66 0.14 2.31
CA ALA B 214 50.22 0.33 0.93
C ALA B 214 50.77 -0.74 0.00
N GLY B 215 52.01 -1.16 0.22
CA GLY B 215 52.60 -2.20 -0.62
C GLY B 215 51.97 -3.57 -0.40
N ASP B 216 51.76 -3.95 0.86
CA ASP B 216 51.04 -5.20 1.14
C ASP B 216 49.61 -5.13 0.60
N PHE B 217 48.89 -4.05 0.92
CA PHE B 217 47.50 -3.95 0.47
C PHE B 217 47.40 -4.13 -1.05
N ALA B 218 48.28 -3.47 -1.80
CA ALA B 218 48.23 -3.56 -3.25
C ALA B 218 48.58 -4.97 -3.72
N ALA B 219 49.42 -5.68 -2.96
CA ALA B 219 49.75 -7.05 -3.32
C ALA B 219 48.60 -8.00 -3.02
N MET B 220 47.97 -7.83 -1.86
CA MET B 220 46.71 -8.52 -1.59
C MET B 220 45.68 -8.21 -2.68
N SER B 221 45.57 -6.93 -3.09
CA SER B 221 44.54 -6.53 -4.05
C SER B 221 44.77 -7.13 -5.43
N ALA B 222 46.03 -7.15 -5.88
CA ALA B 222 46.32 -7.75 -7.18
C ALA B 222 45.97 -9.25 -7.16
N ALA B 223 46.31 -9.93 -6.07
CA ALA B 223 45.96 -11.34 -5.92
C ALA B 223 44.44 -11.57 -5.86
N ALA B 224 43.71 -10.69 -5.18
CA ALA B 224 42.30 -10.94 -4.88
C ALA B 224 41.43 -10.97 -6.15
N PHE B 225 41.67 -10.07 -7.09
CA PHE B 225 40.80 -9.94 -8.26
C PHE B 225 41.37 -10.63 -9.48
N ASP B 226 40.48 -11.15 -10.32
CA ASP B 226 40.86 -11.71 -11.62
C ASP B 226 41.34 -10.58 -12.52
N ARG B 227 42.63 -10.60 -12.87
CA ARG B 227 43.25 -9.51 -13.63
C ARG B 227 42.51 -9.23 -14.93
N ASN B 228 41.95 -10.25 -15.58
CA ASN B 228 41.28 -10.04 -16.86
C ASN B 228 39.88 -9.47 -16.69
N TRP B 229 39.20 -9.74 -15.57
CA TRP B 229 37.92 -9.09 -15.32
C TRP B 229 38.11 -7.62 -14.95
N VAL B 230 39.15 -7.35 -14.16
CA VAL B 230 39.46 -5.97 -13.80
C VAL B 230 39.69 -5.13 -15.06
N ALA B 231 40.54 -5.62 -15.96
CA ALA B 231 40.86 -4.87 -17.17
C ALA B 231 39.64 -4.73 -18.08
N GLY B 232 38.84 -5.78 -18.21
CA GLY B 232 37.64 -5.74 -19.03
C GLY B 232 36.59 -4.78 -18.51
N LEU B 233 36.77 -4.24 -17.30
CA LEU B 233 35.89 -3.20 -16.81
C LEU B 233 35.99 -1.93 -17.66
N VAL B 234 37.17 -1.64 -18.17
CA VAL B 234 37.44 -0.37 -18.83
C VAL B 234 38.10 -0.61 -20.18
N HIS C 8 1.96 14.55 19.09
CA HIS C 8 3.19 15.33 18.91
C HIS C 8 3.14 16.17 17.61
N GLY C 9 2.85 17.47 17.76
CA GLY C 9 2.76 18.38 16.62
C GLY C 9 1.52 19.28 16.61
N GLY C 10 1.00 19.59 15.41
CA GLY C 10 -0.22 20.35 15.25
C GLY C 10 -1.36 19.54 14.67
N THR C 11 -2.34 20.24 14.11
CA THR C 11 -3.56 19.62 13.58
C THR C 11 -3.46 19.40 12.07
N ILE C 12 -3.53 18.14 11.64
CA ILE C 12 -3.65 17.80 10.22
C ILE C 12 -5.08 17.38 9.92
N LEU C 13 -5.65 17.97 8.85
CA LEU C 13 -7.01 17.69 8.40
C LEU C 13 -7.00 17.41 6.90
N VAL C 14 -7.27 16.16 6.50
CA VAL C 14 -7.41 15.85 5.08
C VAL C 14 -8.81 16.25 4.61
N VAL C 15 -8.88 16.83 3.44
CA VAL C 15 -10.12 17.27 2.85
C VAL C 15 -10.36 16.37 1.64
N THR C 16 -11.35 15.49 1.75
CA THR C 16 -11.69 14.57 0.69
C THR C 16 -13.06 14.92 0.12
N GLY C 17 -13.54 14.10 -0.81
CA GLY C 17 -14.83 14.36 -1.43
C GLY C 17 -15.51 13.06 -1.81
N THR C 18 -16.82 13.15 -2.02
CA THR C 18 -17.58 11.99 -2.44
C THR C 18 -17.32 11.62 -3.90
N GLY C 19 -16.73 12.53 -4.65
CA GLY C 19 -16.46 12.34 -6.06
C GLY C 19 -15.78 13.57 -6.57
N THR C 20 -15.27 13.48 -7.78
CA THR C 20 -14.58 14.66 -8.29
C THR C 20 -15.58 15.72 -8.75
N GLY C 21 -15.11 16.97 -8.75
CA GLY C 21 -15.95 18.10 -9.12
C GLY C 21 -16.94 18.53 -8.08
N VAL C 22 -16.78 18.09 -6.83
CA VAL C 22 -17.70 18.48 -5.76
C VAL C 22 -17.34 19.79 -5.09
N GLY C 23 -16.20 20.39 -5.46
CA GLY C 23 -15.78 21.64 -4.87
C GLY C 23 -14.85 21.53 -3.68
N LYS C 24 -14.03 20.48 -3.61
CA LYS C 24 -13.00 20.36 -2.59
C LYS C 24 -12.17 21.64 -2.47
N THR C 25 -11.62 22.10 -3.61
CA THR C 25 -10.62 23.16 -3.59
C THR C 25 -11.20 24.45 -3.02
N VAL C 26 -12.41 24.80 -3.41
CA VAL C 26 -13.05 25.97 -2.82
C VAL C 26 -13.19 25.79 -1.32
N VAL C 27 -13.47 24.55 -0.88
CA VAL C 27 -13.70 24.29 0.54
C VAL C 27 -12.43 24.50 1.37
N CYS C 28 -11.28 24.01 0.89
CA CYS C 28 -10.03 24.36 1.56
C CYS C 28 -9.89 25.87 1.68
N ALA C 29 -9.98 26.58 0.55
CA ALA C 29 -9.94 28.04 0.57
C ALA C 29 -10.97 28.62 1.52
N ALA C 30 -12.17 28.02 1.60
CA ALA C 30 -13.19 28.55 2.48
C ALA C 30 -12.86 28.28 3.96
N LEU C 31 -12.38 27.09 4.29
CA LEU C 31 -11.99 26.81 5.67
C LEU C 31 -10.71 27.58 6.02
N ALA C 32 -9.70 27.50 5.16
CA ALA C 32 -8.45 28.24 5.38
C ALA C 32 -8.71 29.71 5.65
N SER C 33 -9.61 30.32 4.89
CA SER C 33 -9.90 31.74 5.11
C SER C 33 -10.57 31.95 6.46
N ALA C 34 -11.57 31.12 6.80
CA ALA C 34 -12.25 31.26 8.08
C ALA C 34 -11.30 31.05 9.25
N ALA C 35 -10.22 30.29 9.02
CA ALA C 35 -9.23 30.02 10.07
C ALA C 35 -8.21 31.15 10.19
N ARG C 36 -7.75 31.69 9.06
CA ARG C 36 -6.86 32.86 9.12
C ARG C 36 -7.55 34.03 9.83
N GLN C 37 -8.87 34.17 9.66
CA GLN C 37 -9.68 35.13 10.40
C GLN C 37 -10.04 34.66 11.81
N ALA C 38 -9.35 33.66 12.34
CA ALA C 38 -9.46 33.29 13.74
C ALA C 38 -8.14 33.39 14.47
N GLY C 39 -7.09 33.85 13.81
CA GLY C 39 -5.77 33.86 14.41
C GLY C 39 -5.04 32.54 14.33
N ILE C 40 -5.34 31.73 13.31
CA ILE C 40 -4.79 30.38 13.18
C ILE C 40 -3.74 30.40 12.08
N ASP C 41 -2.55 29.91 12.40
CA ASP C 41 -1.58 29.58 11.35
C ASP C 41 -2.14 28.46 10.50
N VAL C 42 -2.27 28.71 9.19
CA VAL C 42 -2.86 27.76 8.25
C VAL C 42 -1.86 27.50 7.12
N ALA C 43 -1.63 26.23 6.83
CA ALA C 43 -0.96 25.82 5.60
C ALA C 43 -1.91 24.95 4.80
N VAL C 44 -1.76 24.96 3.47
CA VAL C 44 -2.53 24.10 2.57
C VAL C 44 -1.56 23.23 1.79
N CYS C 45 -1.83 21.93 1.77
CA CYS C 45 -0.97 20.96 1.11
C CYS C 45 -1.78 20.21 0.04
N LYS C 46 -1.22 20.11 -1.16
CA LYS C 46 -1.80 19.32 -2.24
C LYS C 46 -0.75 18.33 -2.71
N PRO C 47 -0.74 17.10 -2.20
CA PRO C 47 0.35 16.18 -2.57
C PRO C 47 0.31 15.75 -4.02
N VAL C 48 -0.86 15.73 -4.66
CA VAL C 48 -0.98 15.31 -6.05
C VAL C 48 -1.92 16.27 -6.78
N GLN C 49 -1.48 16.76 -7.94
CA GLN C 49 -2.23 17.69 -8.78
C GLN C 49 -2.26 17.17 -10.21
N THR C 50 -3.43 17.23 -10.85
CA THR C 50 -3.56 16.85 -12.25
C THR C 50 -4.19 18.00 -13.03
N GLY C 51 -4.18 17.86 -14.35
CA GLY C 51 -4.78 18.87 -15.20
C GLY C 51 -4.03 20.18 -15.25
N THR C 52 -2.70 20.15 -15.13
CA THR C 52 -1.95 21.35 -15.45
C THR C 52 -2.21 21.77 -16.89
N ALA C 53 -2.26 20.78 -17.80
CA ALA C 53 -2.53 21.05 -19.22
C ALA C 53 -3.84 21.82 -19.42
N ARG C 54 -4.82 21.65 -18.52
CA ARG C 54 -6.04 22.43 -18.55
C ARG C 54 -5.89 23.77 -17.85
N GLY C 55 -4.82 23.96 -17.09
CA GLY C 55 -4.64 25.14 -16.29
C GLY C 55 -4.91 24.99 -14.81
N ASP C 56 -5.11 23.76 -14.33
CA ASP C 56 -5.47 23.53 -12.93
C ASP C 56 -4.29 23.83 -12.02
N ASP C 57 -4.52 24.71 -11.04
CA ASP C 57 -3.63 24.80 -9.88
C ASP C 57 -4.51 25.14 -8.66
N ASP C 58 -4.81 24.12 -7.86
CA ASP C 58 -5.73 24.30 -6.75
C ASP C 58 -5.07 24.98 -5.56
N LEU C 59 -3.77 24.71 -5.32
CA LEU C 59 -3.03 25.53 -4.38
C LEU C 59 -3.13 27.01 -4.78
N ALA C 60 -2.70 27.33 -6.00
CA ALA C 60 -2.75 28.73 -6.45
C ALA C 60 -4.15 29.31 -6.34
N GLU C 61 -5.18 28.50 -6.57
CA GLU C 61 -6.54 29.00 -6.38
C GLU C 61 -6.83 29.29 -4.92
N VAL C 62 -6.30 28.47 -3.99
CA VAL C 62 -6.56 28.75 -2.58
C VAL C 62 -5.78 29.98 -2.14
N GLY C 63 -4.51 30.07 -2.53
CA GLY C 63 -3.76 31.30 -2.32
C GLY C 63 -4.47 32.51 -2.87
N ARG C 64 -4.98 32.43 -4.09
CA ARG C 64 -5.69 33.55 -4.69
C ARG C 64 -7.01 33.83 -3.98
N LEU C 65 -7.70 32.79 -3.50
CA LEU C 65 -9.01 32.94 -2.90
C LEU C 65 -8.97 33.33 -1.42
N ALA C 66 -8.00 32.82 -0.66
CA ALA C 66 -8.00 32.99 0.77
C ALA C 66 -6.79 33.72 1.34
N GLY C 67 -5.69 33.82 0.60
CA GLY C 67 -4.49 34.48 1.06
C GLY C 67 -3.44 33.57 1.62
N VAL C 68 -3.64 32.26 1.63
CA VAL C 68 -2.67 31.36 2.23
C VAL C 68 -1.36 31.45 1.46
N THR C 69 -0.32 31.96 2.11
CA THR C 69 1.02 31.95 1.54
C THR C 69 1.74 30.64 1.80
N GLN C 70 1.30 29.88 2.82
CA GLN C 70 1.95 28.61 3.17
C GLN C 70 1.27 27.49 2.37
N LEU C 71 1.75 27.30 1.15
CA LEU C 71 1.18 26.35 0.21
C LEU C 71 2.27 25.36 -0.14
N ALA C 72 1.97 24.07 -0.04
CA ALA C 72 2.98 23.06 -0.29
C ALA C 72 2.43 22.05 -1.28
N GLY C 73 3.18 21.82 -2.35
CA GLY C 73 2.79 20.91 -3.41
C GLY C 73 3.82 19.82 -3.57
N LEU C 74 3.55 18.91 -4.50
CA LEU C 74 4.46 17.82 -4.74
C LEU C 74 4.29 17.31 -6.17
N ALA C 75 3.59 16.19 -6.36
CA ALA C 75 3.40 15.65 -7.69
C ALA C 75 2.49 16.56 -8.52
N ARG C 76 2.82 16.70 -9.80
CA ARG C 76 2.05 17.52 -10.72
C ARG C 76 2.05 16.84 -12.09
N TYR C 77 0.86 16.71 -12.68
CA TYR C 77 0.75 16.03 -13.95
C TYR C 77 -0.13 16.81 -14.91
N PRO C 78 0.06 16.63 -16.24
CA PRO C 78 -0.65 17.46 -17.21
C PRO C 78 -2.09 17.07 -17.47
N GLN C 79 -2.35 15.78 -17.66
CA GLN C 79 -3.71 15.47 -18.10
C GLN C 79 -4.68 15.53 -16.92
N PRO C 80 -5.91 16.01 -17.15
CA PRO C 80 -6.98 15.89 -16.14
C PRO C 80 -7.55 14.47 -16.14
N MET C 81 -6.83 13.59 -15.46
CA MET C 81 -7.23 12.21 -15.23
C MET C 81 -6.76 11.79 -13.85
N ALA C 82 -7.35 10.71 -13.33
CA ALA C 82 -6.90 10.08 -12.09
C ALA C 82 -5.38 10.00 -12.08
N PRO C 83 -4.74 10.22 -10.91
CA PRO C 83 -3.27 10.34 -10.90
C PRO C 83 -2.52 9.22 -11.60
N ALA C 84 -2.86 7.95 -11.34
CA ALA C 84 -2.06 6.87 -11.90
C ALA C 84 -2.01 6.95 -13.42
N ALA C 85 -3.16 7.23 -14.05
CA ALA C 85 -3.20 7.39 -15.50
C ALA C 85 -2.60 8.72 -15.95
N ALA C 86 -2.77 9.78 -15.15
CA ALA C 86 -2.15 11.07 -15.49
C ALA C 86 -0.63 10.97 -15.44
N ALA C 87 -0.10 10.21 -14.49
CA ALA C 87 1.33 9.94 -14.44
C ALA C 87 1.78 9.06 -15.60
N GLU C 88 0.99 8.03 -15.91
CA GLU C 88 1.37 7.12 -16.99
C GLU C 88 1.41 7.84 -18.33
N HIS C 89 0.45 8.75 -18.55
CA HIS C 89 0.42 9.52 -19.79
C HIS C 89 1.66 10.39 -19.92
N ALA C 90 2.05 11.06 -18.84
CA ALA C 90 3.20 11.94 -18.80
C ALA C 90 4.53 11.19 -18.81
N GLY C 91 4.51 9.88 -18.61
CA GLY C 91 5.73 9.10 -18.56
C GLY C 91 6.44 9.08 -17.22
N MET C 92 5.86 9.66 -16.17
CA MET C 92 6.47 9.72 -14.85
C MET C 92 5.82 8.70 -13.90
N ALA C 93 6.01 8.90 -12.60
CA ALA C 93 5.56 7.96 -11.59
C ALA C 93 4.84 8.73 -10.48
N LEU C 94 4.16 7.99 -9.63
CA LEU C 94 3.47 8.63 -8.52
C LEU C 94 4.46 8.92 -7.39
N PRO C 95 4.19 9.95 -6.59
CA PRO C 95 5.02 10.18 -5.39
C PRO C 95 4.91 9.00 -4.43
N ALA C 96 6.02 8.71 -3.75
CA ALA C 96 6.02 7.60 -2.81
C ALA C 96 5.20 7.94 -1.58
N ARG C 97 4.67 6.90 -0.94
CA ARG C 97 3.86 7.06 0.26
C ARG C 97 4.54 7.95 1.30
N ASP C 98 5.81 7.67 1.60
CA ASP C 98 6.53 8.45 2.60
C ASP C 98 6.75 9.89 2.16
N GLN C 99 6.95 10.14 0.87
CA GLN C 99 7.18 11.51 0.44
C GLN C 99 5.90 12.34 0.53
N ILE C 100 4.75 11.70 0.31
CA ILE C 100 3.50 12.40 0.58
C ILE C 100 3.39 12.70 2.07
N VAL C 101 3.80 11.75 2.91
CA VAL C 101 3.70 11.98 4.34
C VAL C 101 4.79 12.93 4.84
N ARG C 102 6.05 12.75 4.37
CA ARG C 102 7.12 13.64 4.81
C ARG C 102 6.81 15.08 4.46
N LEU C 103 6.18 15.31 3.30
CA LEU C 103 5.74 16.66 2.95
C LEU C 103 4.69 17.17 3.94
N ILE C 104 3.71 16.33 4.27
CA ILE C 104 2.69 16.72 5.24
C ILE C 104 3.32 16.95 6.61
N ALA C 105 4.22 16.04 7.01
CA ALA C 105 4.85 16.13 8.32
C ALA C 105 5.70 17.40 8.44
N ASP C 106 6.46 17.73 7.39
CA ASP C 106 7.25 18.96 7.41
C ASP C 106 6.37 20.20 7.56
N LEU C 107 5.20 20.20 6.91
CA LEU C 107 4.33 21.37 7.02
C LEU C 107 3.77 21.54 8.41
N ASP C 108 3.66 20.46 9.18
CA ASP C 108 2.88 20.48 10.41
C ASP C 108 3.75 20.90 11.59
N ARG C 109 3.15 21.65 12.50
CA ARG C 109 3.85 22.09 13.71
C ARG C 109 2.81 22.56 14.72
N PRO C 110 3.16 22.61 16.00
CA PRO C 110 2.19 23.00 17.02
C PRO C 110 1.61 24.37 16.73
N GLY C 111 0.28 24.47 16.83
CA GLY C 111 -0.42 25.70 16.59
C GLY C 111 -0.98 25.86 15.18
N ARG C 112 -0.59 24.99 14.25
CA ARG C 112 -0.90 25.18 12.83
C ARG C 112 -1.91 24.14 12.33
N LEU C 113 -2.98 24.64 11.71
CA LEU C 113 -3.90 23.82 10.94
C LEU C 113 -3.31 23.58 9.55
N THR C 114 -3.08 22.32 9.21
CA THR C 114 -2.53 21.94 7.91
C THR C 114 -3.59 21.16 7.13
N LEU C 115 -4.26 21.82 6.19
CA LEU C 115 -5.25 21.17 5.34
C LEU C 115 -4.59 20.45 4.17
N VAL C 116 -4.96 19.20 3.95
CA VAL C 116 -4.34 18.33 2.94
C VAL C 116 -5.43 17.97 1.94
N GLU C 117 -5.56 18.77 0.88
CA GLU C 117 -6.54 18.49 -0.16
C GLU C 117 -6.12 17.27 -0.96
N GLY C 118 -7.06 16.34 -1.19
CA GLY C 118 -6.79 15.14 -1.96
C GLY C 118 -7.14 15.29 -3.44
N ALA C 119 -6.86 14.23 -4.21
CA ALA C 119 -7.11 14.17 -5.65
C ALA C 119 -8.31 13.27 -5.93
N GLY C 120 -9.47 13.88 -6.17
CA GLY C 120 -10.70 13.13 -6.46
C GLY C 120 -11.40 12.66 -5.20
N GLY C 121 -11.73 11.36 -5.14
CA GLY C 121 -12.36 10.76 -3.99
C GLY C 121 -11.38 10.10 -3.01
N LEU C 122 -11.98 9.62 -1.90
CA LEU C 122 -11.19 9.10 -0.78
C LEU C 122 -10.27 7.97 -1.20
N LEU C 123 -10.71 7.11 -2.13
CA LEU C 123 -9.95 5.91 -2.46
C LEU C 123 -9.23 6.03 -3.80
N VAL C 124 -9.06 7.26 -4.31
CA VAL C 124 -8.19 7.46 -5.46
C VAL C 124 -6.76 7.06 -5.08
N GLU C 125 -6.09 6.33 -5.97
CA GLU C 125 -4.71 5.91 -5.72
C GLU C 125 -3.76 7.08 -5.92
N LEU C 126 -3.10 7.50 -4.83
CA LEU C 126 -2.12 8.59 -4.84
C LEU C 126 -0.68 8.12 -4.87
N ALA C 127 -0.44 6.84 -4.58
CA ALA C 127 0.91 6.26 -4.53
C ALA C 127 0.81 4.76 -4.79
N GLU C 128 1.87 4.19 -5.40
CA GLU C 128 1.92 2.74 -5.56
C GLU C 128 2.24 2.08 -4.21
N PRO C 129 1.66 0.91 -3.93
CA PRO C 129 0.56 0.31 -4.68
C PRO C 129 -0.80 0.49 -3.99
N GLY C 130 -1.77 1.08 -4.67
CA GLY C 130 -3.09 1.24 -4.07
C GLY C 130 -3.14 2.13 -2.83
N VAL C 131 -2.08 2.90 -2.57
CA VAL C 131 -2.08 3.83 -1.44
C VAL C 131 -3.02 4.99 -1.73
N THR C 132 -3.73 5.47 -0.70
CA THR C 132 -4.79 6.44 -0.88
C THR C 132 -4.73 7.52 0.20
N LEU C 133 -5.57 8.54 0.02
CA LEU C 133 -5.66 9.61 1.01
C LEU C 133 -6.10 9.09 2.37
N ARG C 134 -6.83 7.97 2.42
CA ARG C 134 -7.20 7.39 3.70
C ARG C 134 -5.96 6.85 4.42
N ASP C 135 -5.17 6.04 3.70
CA ASP C 135 -3.89 5.55 4.17
C ASP C 135 -3.01 6.70 4.70
N VAL C 136 -2.89 7.75 3.90
CA VAL C 136 -2.11 8.92 4.30
C VAL C 136 -2.65 9.49 5.61
N ALA C 137 -3.98 9.59 5.73
CA ALA C 137 -4.54 10.19 6.94
C ALA C 137 -4.27 9.31 8.16
N VAL C 138 -4.21 7.99 7.96
CA VAL C 138 -3.85 7.08 9.05
C VAL C 138 -2.42 7.37 9.52
N ASP C 139 -1.46 7.45 8.59
CA ASP C 139 -0.06 7.70 8.95
C ASP C 139 0.10 8.99 9.74
N VAL C 140 -0.41 10.10 9.20
CA VAL C 140 -0.26 11.39 9.85
C VAL C 140 -1.30 11.61 10.94
N ALA C 141 -2.17 10.63 11.18
CA ALA C 141 -3.20 10.73 12.22
C ALA C 141 -4.08 11.97 12.02
N ALA C 142 -4.58 12.15 10.81
CA ALA C 142 -5.44 13.28 10.49
C ALA C 142 -6.90 12.85 10.54
N ALA C 143 -7.77 13.76 10.97
CA ALA C 143 -9.20 13.61 10.72
C ALA C 143 -9.52 13.98 9.26
N ALA C 144 -10.70 13.56 8.81
CA ALA C 144 -11.15 13.78 7.42
C ALA C 144 -12.35 14.71 7.39
N LEU C 145 -12.24 15.80 6.64
CA LEU C 145 -13.39 16.60 6.25
C LEU C 145 -13.89 16.11 4.89
N VAL C 146 -15.21 15.94 4.75
CA VAL C 146 -15.78 15.27 3.59
C VAL C 146 -16.64 16.26 2.81
N VAL C 147 -16.26 16.53 1.56
CA VAL C 147 -17.00 17.46 0.72
C VAL C 147 -17.96 16.66 -0.17
N VAL C 148 -19.23 17.10 -0.20
CA VAL C 148 -20.35 16.36 -0.76
C VAL C 148 -21.21 17.31 -1.57
N THR C 149 -22.03 16.74 -2.46
CA THR C 149 -23.01 17.52 -3.20
C THR C 149 -24.35 17.45 -2.50
N ALA C 150 -25.29 18.30 -2.96
CA ALA C 150 -26.67 18.26 -2.54
C ALA C 150 -27.57 17.59 -3.57
N ASP C 151 -26.99 16.82 -4.48
CA ASP C 151 -27.63 16.29 -5.67
C ASP C 151 -27.94 14.81 -5.54
N LEU C 152 -28.92 14.35 -6.33
CA LEU C 152 -29.38 12.97 -6.26
C LEU C 152 -28.20 12.02 -6.31
N GLY C 153 -28.22 11.02 -5.42
CA GLY C 153 -27.13 10.08 -5.29
C GLY C 153 -26.11 10.43 -4.24
N THR C 154 -26.28 11.58 -3.56
CA THR C 154 -25.27 12.03 -2.61
C THR C 154 -25.31 11.23 -1.33
N LEU C 155 -26.48 10.75 -0.92
CA LEU C 155 -26.58 10.01 0.33
C LEU C 155 -25.83 8.69 0.22
N ASN C 156 -25.98 7.99 -0.91
CA ASN C 156 -25.22 6.77 -1.11
C ASN C 156 -23.73 7.07 -1.10
N HIS C 157 -23.31 8.09 -1.86
CA HIS C 157 -21.89 8.41 -1.93
C HIS C 157 -21.33 8.81 -0.55
N THR C 158 -22.06 9.66 0.18
CA THR C 158 -21.57 10.08 1.49
C THR C 158 -21.49 8.89 2.46
N LYS C 159 -22.58 8.12 2.57
CA LYS C 159 -22.58 6.94 3.42
C LYS C 159 -21.48 5.97 3.01
N LEU C 160 -21.20 5.86 1.71
CA LEU C 160 -20.12 4.97 1.28
C LEU C 160 -18.78 5.48 1.76
N THR C 161 -18.55 6.82 1.69
CA THR C 161 -17.25 7.37 2.08
C THR C 161 -17.07 7.27 3.59
N LEU C 162 -18.14 7.52 4.35
CA LEU C 162 -18.07 7.46 5.80
C LEU C 162 -17.79 6.04 6.30
N GLU C 163 -18.47 5.04 5.73
CA GLU C 163 -18.12 3.66 6.07
C GLU C 163 -16.63 3.41 5.86
N ALA C 164 -16.07 3.90 4.75
CA ALA C 164 -14.66 3.64 4.47
C ALA C 164 -13.73 4.38 5.43
N LEU C 165 -14.14 5.56 5.89
CA LEU C 165 -13.34 6.27 6.89
C LEU C 165 -13.39 5.56 8.25
N ALA C 166 -14.59 5.13 8.65
CA ALA C 166 -14.74 4.42 9.91
C ALA C 166 -14.04 3.06 9.86
N ALA C 167 -14.03 2.41 8.70
CA ALA C 167 -13.39 1.10 8.57
C ALA C 167 -11.91 1.13 8.99
N GLN C 168 -11.24 2.26 8.85
CA GLN C 168 -9.84 2.37 9.22
C GLN C 168 -9.63 3.36 10.34
N GLN C 169 -10.69 3.63 11.09
CA GLN C 169 -10.65 4.46 12.30
C GLN C 169 -10.13 5.87 12.01
N VAL C 170 -10.40 6.39 10.81
CA VAL C 170 -10.16 7.80 10.51
C VAL C 170 -11.38 8.60 10.93
N SER C 171 -11.21 9.50 11.88
CA SER C 171 -12.32 10.27 12.38
C SER C 171 -12.84 11.20 11.30
N CYS C 172 -14.15 11.39 11.28
CA CYS C 172 -14.78 12.28 10.32
C CYS C 172 -15.01 13.61 11.00
N ALA C 173 -14.44 14.68 10.43
CA ALA C 173 -14.57 16.03 10.99
C ALA C 173 -15.91 16.69 10.68
N GLY C 174 -16.69 16.11 9.77
CA GLY C 174 -17.93 16.73 9.33
C GLY C 174 -18.08 16.63 7.82
N LEU C 175 -19.21 17.09 7.33
CA LEU C 175 -19.42 17.23 5.90
C LEU C 175 -19.42 18.72 5.55
N VAL C 176 -18.97 19.03 4.34
CA VAL C 176 -19.24 20.32 3.72
C VAL C 176 -19.93 20.07 2.38
N ILE C 177 -21.10 20.67 2.20
CA ILE C 177 -21.73 20.76 0.88
C ILE C 177 -20.93 21.77 0.06
N GLY C 178 -20.21 21.28 -0.95
CA GLY C 178 -19.31 22.15 -1.71
C GLY C 178 -20.02 23.31 -2.39
N SER C 179 -21.17 23.06 -2.99
CA SER C 179 -21.92 24.10 -3.72
C SER C 179 -23.41 23.97 -3.39
N TRP C 180 -23.94 24.96 -2.64
CA TRP C 180 -25.33 25.06 -2.23
C TRP C 180 -26.06 26.06 -3.09
N PRO C 181 -27.18 25.70 -3.72
CA PRO C 181 -27.83 26.58 -4.69
C PRO C 181 -28.82 27.55 -4.06
N ASP C 182 -29.18 28.56 -4.85
CA ASP C 182 -30.08 29.64 -4.45
C ASP C 182 -31.09 29.92 -5.58
N PRO C 183 -32.38 29.61 -5.38
CA PRO C 183 -32.89 28.86 -4.22
C PRO C 183 -32.61 27.36 -4.37
N PRO C 184 -32.71 26.58 -3.29
CA PRO C 184 -32.42 25.16 -3.38
C PRO C 184 -33.63 24.39 -3.88
N GLY C 185 -33.43 23.58 -4.92
CA GLY C 185 -34.51 22.76 -5.47
C GLY C 185 -35.11 21.79 -4.48
N LEU C 186 -36.09 21.01 -4.94
CA LEU C 186 -36.70 19.98 -4.09
C LEU C 186 -35.67 18.98 -3.58
N VAL C 187 -34.83 18.49 -4.49
CA VAL C 187 -33.81 17.48 -4.12
C VAL C 187 -32.83 18.04 -3.11
N ALA C 188 -32.23 19.19 -3.41
CA ALA C 188 -31.19 19.73 -2.53
C ALA C 188 -31.72 19.99 -1.12
N ALA C 189 -32.91 20.58 -1.01
CA ALA C 189 -33.47 20.80 0.32
C ALA C 189 -33.66 19.49 1.05
N SER C 190 -34.14 18.46 0.34
CA SER C 190 -34.28 17.13 0.90
C SER C 190 -32.92 16.56 1.31
N ASN C 191 -31.94 16.64 0.41
CA ASN C 191 -30.63 16.07 0.70
C ASN C 191 -29.91 16.80 1.81
N ARG C 192 -30.15 18.11 1.94
CA ARG C 192 -29.50 18.83 3.03
C ARG C 192 -30.03 18.37 4.39
N SER C 193 -31.35 18.18 4.51
CA SER C 193 -31.90 17.65 5.75
C SER C 193 -31.34 16.28 6.08
N ALA C 194 -31.27 15.39 5.07
CA ALA C 194 -30.90 14.00 5.34
C ALA C 194 -29.42 13.87 5.67
N LEU C 195 -28.58 14.65 4.99
CA LEU C 195 -27.15 14.65 5.30
C LEU C 195 -26.89 15.10 6.73
N ALA C 196 -27.58 16.16 7.16
CA ALA C 196 -27.44 16.62 8.55
C ALA C 196 -27.87 15.54 9.53
N ARG C 197 -28.74 14.61 9.11
CA ARG C 197 -29.18 13.54 9.99
C ARG C 197 -28.16 12.41 10.12
N ILE C 198 -27.07 12.44 9.36
CA ILE C 198 -26.05 11.40 9.48
C ILE C 198 -24.67 11.95 9.80
N ALA C 199 -24.50 13.28 9.84
CA ALA C 199 -23.21 13.88 10.19
C ALA C 199 -23.40 15.37 10.42
N MET C 200 -22.39 15.97 11.07
CA MET C 200 -22.37 17.41 11.24
C MET C 200 -22.06 18.06 9.89
N VAL C 201 -22.97 18.89 9.40
CA VAL C 201 -22.71 19.73 8.23
C VAL C 201 -22.06 21.03 8.70
N ARG C 202 -20.77 21.19 8.43
CA ARG C 202 -20.03 22.37 8.87
C ARG C 202 -20.36 23.60 8.06
N ALA C 203 -20.64 23.45 6.77
CA ALA C 203 -20.90 24.61 5.94
C ALA C 203 -21.59 24.17 4.66
N ALA C 204 -22.36 25.09 4.08
CA ALA C 204 -23.06 24.89 2.82
C ALA C 204 -22.64 26.05 1.93
N LEU C 205 -21.54 25.86 1.19
CA LEU C 205 -20.89 26.98 0.51
C LEU C 205 -21.68 27.39 -0.73
N PRO C 206 -21.98 28.68 -0.90
CA PRO C 206 -22.80 29.11 -2.04
C PRO C 206 -22.09 28.97 -3.39
N ALA C 207 -22.92 28.83 -4.42
CA ALA C 207 -22.43 28.54 -5.77
C ALA C 207 -21.69 29.74 -6.35
N GLY C 208 -20.65 29.45 -7.13
CA GLY C 208 -19.87 30.52 -7.71
C GLY C 208 -18.96 31.21 -6.72
N ALA C 209 -18.60 30.54 -5.62
CA ALA C 209 -17.67 31.11 -4.67
C ALA C 209 -16.28 31.31 -5.27
N ALA C 210 -15.93 30.53 -6.29
CA ALA C 210 -14.58 30.59 -6.83
C ALA C 210 -14.35 31.83 -7.68
N SER C 211 -15.40 32.60 -7.96
CA SER C 211 -15.29 33.80 -8.78
C SER C 211 -15.14 35.08 -7.96
N LEU C 212 -15.46 35.04 -6.66
CA LEU C 212 -15.35 36.21 -5.82
C LEU C 212 -13.90 36.67 -5.73
N ASP C 213 -13.73 37.96 -5.43
CA ASP C 213 -12.41 38.53 -5.15
C ASP C 213 -12.16 38.46 -3.65
N ALA C 214 -10.87 38.44 -3.29
CA ALA C 214 -10.42 37.99 -1.97
C ALA C 214 -11.17 38.65 -0.82
N GLY C 215 -11.69 39.86 -1.02
CA GLY C 215 -12.47 40.52 0.01
C GLY C 215 -13.85 39.93 0.16
N ASP C 216 -14.51 39.65 -0.97
CA ASP C 216 -15.84 39.05 -0.94
C ASP C 216 -15.77 37.58 -0.51
N PHE C 217 -14.74 36.86 -0.95
CA PHE C 217 -14.60 35.46 -0.59
C PHE C 217 -14.38 35.28 0.90
N ALA C 218 -13.39 36.00 1.44
CA ALA C 218 -13.05 35.88 2.86
C ALA C 218 -14.26 36.19 3.74
N ALA C 219 -15.11 37.12 3.31
CA ALA C 219 -16.34 37.40 4.05
C ALA C 219 -17.23 36.18 4.10
N MET C 220 -17.41 35.51 2.95
CA MET C 220 -18.29 34.34 2.88
C MET C 220 -17.79 33.22 3.79
N SER C 221 -16.53 32.80 3.58
CA SER C 221 -15.86 31.82 4.43
C SER C 221 -16.21 31.99 5.90
N ALA C 222 -15.87 33.15 6.47
CA ALA C 222 -16.16 33.44 7.86
C ALA C 222 -17.65 33.31 8.18
N ALA C 223 -18.52 33.65 7.23
CA ALA C 223 -19.95 33.50 7.45
C ALA C 223 -20.41 32.06 7.30
N ALA C 224 -19.62 31.23 6.62
CA ALA C 224 -20.02 29.86 6.28
C ALA C 224 -19.87 28.91 7.46
N PHE C 225 -18.75 28.99 8.17
CA PHE C 225 -18.45 28.05 9.24
C PHE C 225 -18.89 28.59 10.60
N ASP C 226 -18.83 27.71 11.61
CA ASP C 226 -19.07 28.08 13.00
C ASP C 226 -17.73 28.32 13.67
N ARG C 227 -17.50 29.58 14.12
CA ARG C 227 -16.15 30.00 14.49
C ARG C 227 -15.61 29.20 15.66
N ASN C 228 -16.47 28.81 16.61
CA ASN C 228 -16.04 27.93 17.68
C ASN C 228 -15.42 26.65 17.11
N TRP C 229 -16.18 25.95 16.24
CA TRP C 229 -15.65 24.77 15.56
C TRP C 229 -14.33 25.06 14.87
N VAL C 230 -14.21 26.27 14.29
CA VAL C 230 -13.00 26.62 13.54
C VAL C 230 -11.81 26.81 14.48
N ALA C 231 -11.97 27.62 15.53
CA ALA C 231 -10.89 27.89 16.47
C ALA C 231 -10.39 26.60 17.14
N GLY C 232 -11.32 25.83 17.70
CA GLY C 232 -10.99 24.61 18.41
C GLY C 232 -10.58 23.44 17.54
N LEU C 233 -9.93 23.71 16.42
CA LEU C 233 -9.26 22.66 15.68
C LEU C 233 -7.79 22.54 16.07
N VAL C 234 -7.26 23.51 16.81
CA VAL C 234 -5.87 23.52 17.23
C VAL C 234 -5.80 23.79 18.74
N GLY C 235 -4.82 23.17 19.40
CA GLY C 235 -4.63 23.31 20.84
C GLY C 235 -3.43 22.56 21.38
N HIS D 8 -32.32 -27.26 -3.25
CA HIS D 8 -31.23 -26.32 -2.97
C HIS D 8 -31.59 -24.89 -3.40
N GLY D 9 -32.69 -24.75 -4.13
CA GLY D 9 -33.15 -23.44 -4.60
C GLY D 9 -32.65 -23.10 -6.00
N GLY D 10 -32.68 -21.79 -6.29
CA GLY D 10 -32.12 -21.24 -7.51
C GLY D 10 -31.14 -20.13 -7.17
N THR D 11 -30.85 -19.23 -8.12
CA THR D 11 -29.90 -18.16 -7.87
C THR D 11 -30.61 -16.82 -7.77
N ILE D 12 -30.34 -16.11 -6.67
CA ILE D 12 -30.74 -14.71 -6.49
C ILE D 12 -29.48 -13.88 -6.66
N LEU D 13 -29.52 -12.96 -7.63
CA LEU D 13 -28.40 -12.07 -7.92
C LEU D 13 -28.90 -10.63 -7.79
N VAL D 14 -28.47 -9.90 -6.77
CA VAL D 14 -28.80 -8.48 -6.71
C VAL D 14 -27.89 -7.73 -7.67
N VAL D 15 -28.45 -6.71 -8.28
CA VAL D 15 -27.74 -5.86 -9.22
C VAL D 15 -27.76 -4.46 -8.61
N THR D 16 -26.59 -3.96 -8.27
CA THR D 16 -26.39 -2.63 -7.70
C THR D 16 -25.47 -1.84 -8.62
N GLY D 17 -25.27 -0.57 -8.27
CA GLY D 17 -24.42 0.30 -9.05
C GLY D 17 -23.76 1.32 -8.14
N THR D 18 -22.74 1.97 -8.67
CA THR D 18 -22.01 2.96 -7.91
C THR D 18 -22.72 4.29 -7.82
N GLY D 19 -23.92 4.39 -8.38
CA GLY D 19 -24.68 5.63 -8.35
C GLY D 19 -25.93 5.46 -9.19
N THR D 20 -26.66 6.57 -9.34
CA THR D 20 -27.77 6.62 -10.27
C THR D 20 -27.26 6.96 -11.67
N GLY D 21 -28.09 6.67 -12.67
CA GLY D 21 -27.77 7.01 -14.04
C GLY D 21 -26.52 6.34 -14.57
N VAL D 22 -26.26 5.10 -14.15
CA VAL D 22 -25.11 4.35 -14.61
C VAL D 22 -25.49 3.24 -15.57
N GLY D 23 -26.76 3.15 -15.95
CA GLY D 23 -27.22 2.14 -16.86
C GLY D 23 -27.67 0.86 -16.20
N LYS D 24 -27.97 0.91 -14.90
CA LYS D 24 -28.26 -0.32 -14.15
C LYS D 24 -29.40 -1.09 -14.78
N THR D 25 -30.50 -0.40 -15.10
CA THR D 25 -31.68 -1.04 -15.68
C THR D 25 -31.36 -1.72 -17.02
N VAL D 26 -30.54 -1.10 -17.87
CA VAL D 26 -30.29 -1.79 -19.12
C VAL D 26 -29.40 -3.00 -18.88
N VAL D 27 -28.50 -2.93 -17.90
CA VAL D 27 -27.69 -4.10 -17.57
C VAL D 27 -28.57 -5.23 -17.08
N CYS D 28 -29.54 -4.93 -16.20
CA CYS D 28 -30.48 -5.95 -15.78
C CYS D 28 -31.18 -6.59 -16.97
N ALA D 29 -31.61 -5.77 -17.93
CA ALA D 29 -32.20 -6.29 -19.15
C ALA D 29 -31.18 -7.10 -19.94
N ALA D 30 -29.96 -6.57 -20.09
CA ALA D 30 -28.95 -7.27 -20.87
C ALA D 30 -28.58 -8.62 -20.26
N LEU D 31 -28.45 -8.68 -18.93
CA LEU D 31 -28.14 -9.97 -18.33
C LEU D 31 -29.34 -10.89 -18.36
N ALA D 32 -30.53 -10.35 -18.10
CA ALA D 32 -31.74 -11.17 -18.14
C ALA D 32 -31.95 -11.79 -19.52
N SER D 33 -31.83 -10.96 -20.57
CA SER D 33 -31.86 -11.45 -21.93
C SER D 33 -30.80 -12.52 -22.18
N ALA D 34 -29.53 -12.21 -21.90
CA ALA D 34 -28.47 -13.19 -22.14
C ALA D 34 -28.71 -14.50 -21.39
N ALA D 35 -29.33 -14.44 -20.21
CA ALA D 35 -29.62 -15.67 -19.47
C ALA D 35 -30.74 -16.47 -20.13
N ARG D 36 -31.80 -15.79 -20.59
CA ARG D 36 -32.90 -16.46 -21.28
C ARG D 36 -32.40 -17.22 -22.51
N GLN D 37 -31.52 -16.60 -23.29
CA GLN D 37 -30.97 -17.25 -24.48
C GLN D 37 -30.12 -18.45 -24.11
N ALA D 38 -29.43 -18.40 -22.97
CA ALA D 38 -28.72 -19.57 -22.46
C ALA D 38 -29.65 -20.62 -21.86
N GLY D 39 -30.96 -20.43 -21.97
CA GLY D 39 -31.94 -21.40 -21.48
C GLY D 39 -32.32 -21.26 -20.02
N ILE D 40 -32.00 -20.16 -19.37
CA ILE D 40 -32.30 -20.00 -17.95
C ILE D 40 -33.61 -19.25 -17.82
N ASP D 41 -34.44 -19.69 -16.87
CA ASP D 41 -35.65 -18.95 -16.52
C ASP D 41 -35.27 -17.73 -15.69
N VAL D 42 -35.84 -16.58 -16.02
CA VAL D 42 -35.40 -15.30 -15.46
C VAL D 42 -36.58 -14.53 -14.86
N ALA D 43 -36.41 -14.11 -13.61
CA ALA D 43 -37.32 -13.17 -12.96
C ALA D 43 -36.54 -11.92 -12.61
N VAL D 44 -37.16 -10.76 -12.75
CA VAL D 44 -36.52 -9.50 -12.36
C VAL D 44 -37.45 -8.80 -11.39
N CYS D 45 -36.89 -8.38 -10.25
CA CYS D 45 -37.62 -7.80 -9.14
C CYS D 45 -36.96 -6.47 -8.82
N LYS D 46 -37.71 -5.36 -9.03
CA LYS D 46 -37.32 -4.05 -8.52
C LYS D 46 -38.32 -3.71 -7.41
N PRO D 47 -38.00 -4.01 -6.15
CA PRO D 47 -38.95 -3.74 -5.06
C PRO D 47 -39.47 -2.32 -5.04
N VAL D 48 -38.58 -1.33 -5.27
CA VAL D 48 -38.87 0.08 -5.06
C VAL D 48 -38.38 0.85 -6.28
N GLN D 49 -39.24 1.72 -6.81
CA GLN D 49 -38.92 2.48 -8.01
C GLN D 49 -39.34 3.93 -7.85
N THR D 50 -38.48 4.85 -8.27
CA THR D 50 -38.77 6.28 -8.25
C THR D 50 -38.75 6.83 -9.67
N GLY D 51 -39.22 8.07 -9.78
CA GLY D 51 -39.32 8.77 -11.05
C GLY D 51 -40.31 8.22 -12.06
N THR D 52 -41.47 7.73 -11.63
CA THR D 52 -42.43 7.21 -12.60
C THR D 52 -43.32 8.30 -13.19
N ALA D 53 -43.34 9.49 -12.59
CA ALA D 53 -43.99 10.63 -13.24
C ALA D 53 -43.55 10.79 -14.68
N ARG D 54 -42.23 10.67 -14.92
CA ARG D 54 -41.59 10.81 -16.23
C ARG D 54 -41.88 9.63 -17.16
N GLY D 55 -42.66 8.64 -16.73
CA GLY D 55 -43.05 7.53 -17.57
C GLY D 55 -42.11 6.34 -17.60
N ASP D 56 -41.01 6.37 -16.84
CA ASP D 56 -40.04 5.27 -16.85
C ASP D 56 -40.31 4.33 -15.67
N ASP D 57 -41.18 3.35 -15.91
CA ASP D 57 -41.21 2.14 -15.10
C ASP D 57 -40.02 1.28 -15.54
N ASP D 58 -39.11 0.97 -14.61
CA ASP D 58 -37.88 0.27 -14.99
C ASP D 58 -38.14 -1.19 -15.29
N LEU D 59 -39.13 -1.80 -14.64
CA LEU D 59 -39.50 -3.17 -14.98
C LEU D 59 -40.06 -3.24 -16.41
N ALA D 60 -40.96 -2.32 -16.76
CA ALA D 60 -41.53 -2.33 -18.10
C ALA D 60 -40.46 -2.17 -19.15
N GLU D 61 -39.36 -1.50 -18.82
CA GLU D 61 -38.27 -1.42 -19.79
C GLU D 61 -37.58 -2.76 -19.93
N VAL D 62 -37.39 -3.48 -18.82
CA VAL D 62 -36.76 -4.80 -18.91
C VAL D 62 -37.68 -5.77 -19.63
N GLY D 63 -38.99 -5.65 -19.42
CA GLY D 63 -39.97 -6.36 -20.22
C GLY D 63 -39.77 -6.17 -21.72
N ARG D 64 -39.84 -4.93 -22.21
CA ARG D 64 -39.75 -4.71 -23.65
C ARG D 64 -38.35 -5.01 -24.19
N LEU D 65 -37.29 -4.74 -23.43
CA LEU D 65 -35.96 -5.00 -23.96
C LEU D 65 -35.64 -6.49 -23.99
N ALA D 66 -36.06 -7.23 -22.98
CA ALA D 66 -35.62 -8.60 -22.80
C ALA D 66 -36.74 -9.64 -22.87
N GLY D 67 -38.00 -9.23 -22.84
CA GLY D 67 -39.07 -10.20 -22.83
C GLY D 67 -39.18 -11.01 -21.56
N VAL D 68 -38.65 -10.51 -20.44
CA VAL D 68 -38.98 -11.08 -19.16
C VAL D 68 -40.47 -10.89 -18.90
N THR D 69 -41.15 -11.94 -18.48
CA THR D 69 -42.53 -11.80 -18.06
C THR D 69 -42.68 -11.75 -16.55
N GLN D 70 -41.85 -12.47 -15.79
CA GLN D 70 -41.93 -12.43 -14.34
C GLN D 70 -41.27 -11.14 -13.87
N LEU D 71 -42.10 -10.11 -13.75
CA LEU D 71 -41.70 -8.74 -13.47
C LEU D 71 -42.38 -8.34 -12.18
N ALA D 72 -41.61 -8.27 -11.10
CA ALA D 72 -42.15 -8.14 -9.75
C ALA D 72 -41.67 -6.83 -9.08
N GLY D 73 -42.60 -6.13 -8.46
CA GLY D 73 -42.27 -4.92 -7.74
C GLY D 73 -43.27 -4.67 -6.64
N LEU D 74 -42.93 -3.72 -5.75
CA LEU D 74 -43.76 -3.41 -4.57
C LEU D 74 -44.22 -1.97 -4.51
N ALA D 75 -43.38 -0.99 -4.87
CA ALA D 75 -43.73 0.41 -4.65
C ALA D 75 -43.17 1.28 -5.77
N ARG D 76 -43.90 2.35 -6.08
CA ARG D 76 -43.58 3.24 -7.18
C ARG D 76 -43.84 4.68 -6.77
N TYR D 77 -42.84 5.54 -6.98
CA TYR D 77 -42.92 6.93 -6.55
C TYR D 77 -42.71 7.85 -7.73
N PRO D 78 -43.63 8.79 -8.00
CA PRO D 78 -43.48 9.62 -9.21
C PRO D 78 -42.28 10.56 -9.15
N GLN D 79 -41.98 11.11 -7.98
CA GLN D 79 -40.90 12.08 -7.89
C GLN D 79 -39.57 11.41 -8.21
N PRO D 80 -38.69 12.07 -8.96
CA PRO D 80 -37.36 11.52 -9.26
C PRO D 80 -36.36 11.82 -8.15
N MET D 81 -36.45 11.04 -7.08
CA MET D 81 -35.66 11.28 -5.89
C MET D 81 -35.19 9.93 -5.36
N ALA D 82 -34.31 9.99 -4.36
CA ALA D 82 -34.10 8.81 -3.54
C ALA D 82 -35.44 8.35 -2.98
N PRO D 83 -35.62 7.02 -2.79
CA PRO D 83 -36.90 6.50 -2.31
C PRO D 83 -37.43 7.19 -1.06
N ALA D 84 -36.66 7.18 0.04
CA ALA D 84 -37.11 7.76 1.30
C ALA D 84 -37.69 9.16 1.09
N ALA D 85 -37.03 9.97 0.27
CA ALA D 85 -37.47 11.33 0.01
C ALA D 85 -38.75 11.36 -0.83
N ALA D 86 -38.75 10.62 -1.95
CA ALA D 86 -39.90 10.63 -2.86
C ALA D 86 -41.17 10.16 -2.17
N ALA D 87 -41.05 9.18 -1.26
CA ALA D 87 -42.18 8.73 -0.46
C ALA D 87 -42.67 9.84 0.46
N GLU D 88 -41.74 10.55 1.11
CA GLU D 88 -42.09 11.64 2.00
C GLU D 88 -42.77 12.77 1.24
N HIS D 89 -42.31 13.07 0.03
CA HIS D 89 -42.97 14.06 -0.82
C HIS D 89 -44.42 13.64 -1.10
N ALA D 90 -44.61 12.39 -1.51
CA ALA D 90 -45.95 11.86 -1.74
C ALA D 90 -46.67 11.51 -0.45
N GLY D 91 -46.14 11.89 0.71
CA GLY D 91 -46.85 11.67 1.96
C GLY D 91 -47.10 10.23 2.31
N MET D 92 -46.37 9.30 1.70
CA MET D 92 -46.58 7.88 1.89
C MET D 92 -45.28 7.23 2.35
N ALA D 93 -45.39 6.05 2.94
CA ALA D 93 -44.20 5.41 3.48
C ALA D 93 -43.52 4.52 2.43
N LEU D 94 -42.39 3.98 2.81
CA LEU D 94 -41.71 2.94 2.05
C LEU D 94 -42.25 1.58 2.45
N PRO D 95 -42.17 0.57 1.58
CA PRO D 95 -42.52 -0.79 2.01
C PRO D 95 -41.65 -1.24 3.18
N ALA D 96 -42.09 -2.29 3.84
CA ALA D 96 -41.39 -2.84 5.00
C ALA D 96 -40.27 -3.78 4.57
N ARG D 97 -39.29 -3.98 5.46
CA ARG D 97 -38.17 -4.85 5.11
C ARG D 97 -38.66 -6.27 4.83
N ASP D 98 -39.65 -6.75 5.60
CA ASP D 98 -40.18 -8.10 5.40
C ASP D 98 -40.71 -8.29 4.01
N GLN D 99 -41.55 -7.35 3.54
CA GLN D 99 -42.14 -7.46 2.23
C GLN D 99 -41.05 -7.66 1.19
N ILE D 100 -40.02 -6.82 1.22
CA ILE D 100 -38.98 -6.87 0.19
C ILE D 100 -38.32 -8.23 0.18
N VAL D 101 -37.91 -8.71 1.37
CA VAL D 101 -37.19 -9.97 1.45
C VAL D 101 -38.09 -11.13 1.06
N ARG D 102 -39.33 -11.13 1.56
CA ARG D 102 -40.24 -12.25 1.36
C ARG D 102 -40.69 -12.35 -0.09
N LEU D 103 -40.96 -11.20 -0.73
CA LEU D 103 -41.27 -11.18 -2.16
C LEU D 103 -40.13 -11.80 -2.98
N ILE D 104 -38.89 -11.38 -2.71
CA ILE D 104 -37.73 -11.97 -3.40
C ILE D 104 -37.65 -13.47 -3.13
N ALA D 105 -37.80 -13.87 -1.86
CA ALA D 105 -37.72 -15.29 -1.51
C ALA D 105 -38.73 -16.14 -2.27
N ASP D 106 -39.97 -15.65 -2.44
CA ASP D 106 -40.99 -16.44 -3.14
C ASP D 106 -40.69 -16.56 -4.64
N LEU D 107 -40.00 -15.58 -5.24
CA LEU D 107 -39.62 -15.70 -6.64
C LEU D 107 -38.60 -16.80 -6.89
N ASP D 108 -37.82 -17.17 -5.88
CA ASP D 108 -36.76 -18.15 -6.04
C ASP D 108 -37.37 -19.50 -6.38
N ARG D 109 -36.81 -20.19 -7.36
CA ARG D 109 -37.23 -21.56 -7.65
C ARG D 109 -36.13 -22.26 -8.43
N PRO D 110 -36.02 -23.59 -8.32
CA PRO D 110 -34.96 -24.32 -9.01
C PRO D 110 -34.90 -24.01 -10.49
N GLY D 111 -33.69 -23.77 -10.98
CA GLY D 111 -33.47 -23.44 -12.37
C GLY D 111 -33.67 -22.00 -12.77
N ARG D 112 -33.92 -21.11 -11.80
CA ARG D 112 -34.23 -19.71 -12.09
C ARG D 112 -33.11 -18.80 -11.63
N LEU D 113 -32.77 -17.84 -12.48
CA LEU D 113 -31.98 -16.68 -12.10
C LEU D 113 -32.94 -15.53 -11.73
N THR D 114 -32.89 -15.10 -10.47
CA THR D 114 -33.69 -13.97 -9.99
C THR D 114 -32.78 -12.75 -9.79
N LEU D 115 -32.95 -11.74 -10.66
CA LEU D 115 -32.25 -10.45 -10.55
C LEU D 115 -33.04 -9.48 -9.68
N VAL D 116 -32.35 -8.79 -8.77
CA VAL D 116 -32.97 -7.84 -7.85
C VAL D 116 -32.32 -6.48 -8.09
N GLU D 117 -33.07 -5.58 -8.69
CA GLU D 117 -32.53 -4.28 -9.07
C GLU D 117 -32.72 -3.28 -7.95
N GLY D 118 -31.63 -2.72 -7.46
CA GLY D 118 -31.70 -1.67 -6.47
C GLY D 118 -32.19 -0.37 -7.06
N ALA D 119 -32.61 0.53 -6.17
CA ALA D 119 -32.82 1.93 -6.51
C ALA D 119 -31.51 2.68 -6.29
N GLY D 120 -30.98 3.29 -7.34
CA GLY D 120 -29.71 3.99 -7.21
C GLY D 120 -28.58 3.11 -6.71
N GLY D 121 -27.75 3.67 -5.80
CA GLY D 121 -26.57 3.00 -5.30
C GLY D 121 -26.85 1.98 -4.19
N LEU D 122 -25.81 1.20 -3.87
CA LEU D 122 -25.88 0.10 -2.91
C LEU D 122 -26.45 0.50 -1.55
N LEU D 123 -26.04 1.65 -1.02
CA LEU D 123 -26.46 2.08 0.30
C LEU D 123 -27.69 2.95 0.29
N VAL D 124 -28.40 3.06 -0.83
CA VAL D 124 -29.69 3.76 -0.84
C VAL D 124 -30.68 3.06 0.10
N GLU D 125 -31.48 3.86 0.79
CA GLU D 125 -32.43 3.30 1.75
C GLU D 125 -33.68 2.82 1.02
N LEU D 126 -33.90 1.50 1.01
CA LEU D 126 -35.09 0.91 0.38
C LEU D 126 -36.28 0.80 1.31
N ALA D 127 -36.04 0.64 2.61
CA ALA D 127 -37.10 0.46 3.59
C ALA D 127 -36.68 1.11 4.89
N GLU D 128 -37.66 1.38 5.75
CA GLU D 128 -37.31 1.83 7.08
C GLU D 128 -36.97 0.63 7.97
N PRO D 129 -36.06 0.79 8.94
CA PRO D 129 -35.21 1.96 9.16
C PRO D 129 -33.78 1.79 8.61
N GLY D 130 -33.46 2.49 7.52
CA GLY D 130 -32.11 2.39 6.98
C GLY D 130 -31.79 1.07 6.30
N VAL D 131 -32.82 0.35 5.83
CA VAL D 131 -32.61 -0.90 5.11
C VAL D 131 -32.10 -0.62 3.71
N THR D 132 -31.16 -1.45 3.26
CA THR D 132 -30.49 -1.26 1.97
C THR D 132 -30.44 -2.58 1.23
N LEU D 133 -30.15 -2.46 -0.06
CA LEU D 133 -29.99 -3.63 -0.92
C LEU D 133 -28.90 -4.55 -0.39
N ARG D 134 -27.91 -3.99 0.32
CA ARG D 134 -26.90 -4.83 0.97
C ARG D 134 -27.53 -5.68 2.08
N ASP D 135 -28.36 -5.06 2.93
CA ASP D 135 -29.11 -5.83 3.92
C ASP D 135 -29.92 -6.94 3.28
N VAL D 136 -30.65 -6.59 2.22
CA VAL D 136 -31.48 -7.57 1.51
C VAL D 136 -30.63 -8.73 0.99
N ALA D 137 -29.42 -8.43 0.49
CA ALA D 137 -28.57 -9.47 -0.08
C ALA D 137 -28.09 -10.46 0.99
N VAL D 138 -27.77 -9.98 2.19
CA VAL D 138 -27.43 -10.89 3.29
C VAL D 138 -28.60 -11.81 3.60
N ASP D 139 -29.80 -11.25 3.70
CA ASP D 139 -30.94 -12.01 4.18
C ASP D 139 -31.34 -13.13 3.24
N VAL D 140 -31.17 -12.97 1.94
CA VAL D 140 -31.52 -14.02 1.00
C VAL D 140 -30.28 -14.70 0.45
N ALA D 141 -29.12 -14.39 1.03
CA ALA D 141 -27.82 -14.96 0.66
C ALA D 141 -27.57 -14.82 -0.84
N ALA D 142 -27.68 -13.59 -1.33
CA ALA D 142 -27.45 -13.26 -2.74
C ALA D 142 -26.11 -12.57 -2.94
N ALA D 143 -25.39 -12.97 -3.99
CA ALA D 143 -24.25 -12.20 -4.48
C ALA D 143 -24.71 -10.89 -5.14
N ALA D 144 -23.75 -9.97 -5.32
CA ALA D 144 -24.02 -8.66 -5.91
C ALA D 144 -23.20 -8.43 -7.16
N LEU D 145 -23.86 -8.03 -8.25
CA LEU D 145 -23.23 -7.59 -9.48
C LEU D 145 -23.25 -6.06 -9.50
N VAL D 146 -22.10 -5.45 -9.76
CA VAL D 146 -21.91 -4.01 -9.58
C VAL D 146 -21.80 -3.32 -10.94
N VAL D 147 -22.70 -2.36 -11.20
CA VAL D 147 -22.73 -1.60 -12.45
C VAL D 147 -21.98 -0.29 -12.25
N VAL D 148 -21.00 -0.04 -13.10
CA VAL D 148 -20.05 1.04 -12.93
C VAL D 148 -20.02 1.86 -14.22
N THR D 149 -19.70 3.14 -14.08
CA THR D 149 -19.44 3.93 -15.29
C THR D 149 -17.97 3.78 -15.66
N ALA D 150 -17.59 4.40 -16.77
CA ALA D 150 -16.20 4.40 -17.20
C ALA D 150 -15.63 5.81 -17.23
N ASP D 151 -16.27 6.74 -16.52
CA ASP D 151 -15.84 8.12 -16.46
C ASP D 151 -14.91 8.36 -15.28
N LEU D 152 -14.43 9.59 -15.17
CA LEU D 152 -13.62 9.99 -14.01
C LEU D 152 -14.41 9.78 -12.74
N GLY D 153 -13.74 9.25 -11.71
CA GLY D 153 -14.36 9.04 -10.42
C GLY D 153 -14.90 7.65 -10.22
N THR D 154 -14.88 6.81 -11.26
CA THR D 154 -15.48 5.48 -11.19
C THR D 154 -14.63 4.51 -10.40
N LEU D 155 -13.32 4.69 -10.39
CA LEU D 155 -12.46 3.80 -9.61
C LEU D 155 -12.75 3.96 -8.12
N ASN D 156 -12.77 5.21 -7.64
CA ASN D 156 -13.11 5.50 -6.25
C ASN D 156 -14.46 4.88 -5.89
N HIS D 157 -15.47 5.16 -6.72
CA HIS D 157 -16.84 4.69 -6.46
C HIS D 157 -16.92 3.18 -6.50
N THR D 158 -16.18 2.53 -7.41
CA THR D 158 -16.15 1.07 -7.45
C THR D 158 -15.48 0.49 -6.21
N LYS D 159 -14.30 1.01 -5.85
CA LYS D 159 -13.62 0.53 -4.67
C LYS D 159 -14.50 0.74 -3.42
N LEU D 160 -15.13 1.90 -3.31
CA LEU D 160 -16.02 2.16 -2.18
C LEU D 160 -17.16 1.13 -2.12
N THR D 161 -17.81 0.88 -3.27
CA THR D 161 -18.92 -0.08 -3.29
C THR D 161 -18.45 -1.51 -3.00
N LEU D 162 -17.31 -1.91 -3.60
CA LEU D 162 -16.79 -3.26 -3.35
C LEU D 162 -16.44 -3.47 -1.88
N GLU D 163 -15.80 -2.48 -1.26
CA GLU D 163 -15.50 -2.53 0.17
C GLU D 163 -16.79 -2.56 1.00
N ALA D 164 -17.86 -1.90 0.54
CA ALA D 164 -19.14 -1.95 1.24
C ALA D 164 -19.73 -3.36 1.23
N LEU D 165 -19.54 -4.07 0.12
CA LEU D 165 -20.00 -5.45 0.03
C LEU D 165 -19.21 -6.34 0.98
N ALA D 166 -17.87 -6.18 1.00
CA ALA D 166 -17.01 -7.05 1.80
C ALA D 166 -17.28 -6.89 3.30
N ALA D 167 -17.43 -5.65 3.76
CA ALA D 167 -17.79 -5.37 5.15
C ALA D 167 -18.89 -6.30 5.68
N GLN D 168 -19.84 -6.65 4.81
CA GLN D 168 -21.00 -7.46 5.18
C GLN D 168 -20.99 -8.85 4.53
N GLN D 169 -19.84 -9.31 4.03
CA GLN D 169 -19.70 -10.67 3.49
C GLN D 169 -20.70 -10.96 2.38
N VAL D 170 -21.05 -9.93 1.60
CA VAL D 170 -21.81 -10.13 0.38
C VAL D 170 -20.81 -10.42 -0.72
N SER D 171 -20.99 -11.55 -1.40
CA SER D 171 -20.05 -11.94 -2.44
C SER D 171 -20.17 -11.00 -3.63
N CYS D 172 -19.02 -10.58 -4.17
CA CYS D 172 -19.00 -9.82 -5.42
C CYS D 172 -19.07 -10.79 -6.59
N ALA D 173 -20.01 -10.55 -7.50
CA ALA D 173 -20.14 -11.34 -8.71
C ALA D 173 -19.48 -10.66 -9.91
N GLY D 174 -18.84 -9.51 -9.71
CA GLY D 174 -18.09 -8.84 -10.74
C GLY D 174 -18.67 -7.48 -11.09
N LEU D 175 -18.18 -6.92 -12.18
CA LEU D 175 -18.60 -5.60 -12.64
C LEU D 175 -19.20 -5.69 -14.04
N VAL D 176 -20.10 -4.77 -14.31
CA VAL D 176 -20.54 -4.47 -15.67
C VAL D 176 -20.36 -2.98 -15.88
N ILE D 177 -19.71 -2.60 -16.98
CA ILE D 177 -19.66 -1.20 -17.38
C ILE D 177 -20.99 -0.86 -18.05
N GLY D 178 -21.79 -0.03 -17.38
CA GLY D 178 -23.16 0.18 -17.84
C GLY D 178 -23.25 0.75 -19.24
N SER D 179 -22.31 1.64 -19.59
CA SER D 179 -22.32 2.31 -20.89
C SER D 179 -20.90 2.39 -21.42
N TRP D 180 -20.64 1.75 -22.56
CA TRP D 180 -19.33 1.80 -23.19
C TRP D 180 -19.36 2.75 -24.37
N PRO D 181 -18.55 3.80 -24.38
CA PRO D 181 -18.60 4.76 -25.49
C PRO D 181 -17.81 4.29 -26.70
N ASP D 182 -18.25 4.76 -27.86
CA ASP D 182 -17.62 4.43 -29.14
C ASP D 182 -17.42 5.70 -29.97
N PRO D 183 -16.17 6.16 -30.13
CA PRO D 183 -14.99 5.48 -29.60
C PRO D 183 -14.65 5.92 -28.18
N PRO D 184 -13.86 5.11 -27.45
CA PRO D 184 -13.54 5.46 -26.06
C PRO D 184 -12.44 6.49 -25.98
N GLY D 185 -12.69 7.59 -25.27
CA GLY D 185 -11.69 8.63 -25.06
C GLY D 185 -10.48 8.16 -24.25
N LEU D 186 -9.69 9.11 -23.73
CA LEU D 186 -8.50 8.74 -22.96
C LEU D 186 -8.88 8.11 -21.62
N VAL D 187 -9.75 8.79 -20.84
CA VAL D 187 -10.07 8.34 -19.50
C VAL D 187 -10.77 6.98 -19.54
N ALA D 188 -11.79 6.85 -20.41
CA ALA D 188 -12.59 5.63 -20.46
C ALA D 188 -11.76 4.42 -20.89
N ALA D 189 -10.85 4.61 -21.83
CA ALA D 189 -9.94 3.51 -22.15
C ALA D 189 -9.12 3.11 -20.93
N SER D 190 -8.69 4.10 -20.13
CA SER D 190 -7.82 3.78 -19.02
C SER D 190 -8.60 3.15 -17.87
N ASN D 191 -9.83 3.63 -17.65
CA ASN D 191 -10.65 3.09 -16.57
C ASN D 191 -11.03 1.64 -16.82
N ARG D 192 -11.25 1.29 -18.10
CA ARG D 192 -11.61 -0.10 -18.40
C ARG D 192 -10.46 -1.03 -18.05
N SER D 193 -9.24 -0.63 -18.39
CA SER D 193 -8.09 -1.42 -17.98
C SER D 193 -8.02 -1.51 -16.46
N ALA D 194 -8.20 -0.36 -15.79
CA ALA D 194 -7.99 -0.29 -14.35
C ALA D 194 -9.04 -1.13 -13.60
N LEU D 195 -10.32 -0.94 -13.94
CA LEU D 195 -11.38 -1.76 -13.34
C LEU D 195 -11.15 -3.25 -13.55
N ALA D 196 -10.45 -3.63 -14.63
CA ALA D 196 -10.20 -5.05 -14.88
C ALA D 196 -9.23 -5.64 -13.88
N ARG D 197 -8.30 -4.84 -13.38
CA ARG D 197 -7.38 -5.28 -12.33
C ARG D 197 -8.01 -5.17 -10.94
N ILE D 198 -9.22 -4.61 -10.86
CA ILE D 198 -9.96 -4.59 -9.60
C ILE D 198 -10.84 -5.84 -9.45
N ALA D 199 -11.45 -6.29 -10.55
CA ALA D 199 -12.47 -7.33 -10.51
C ALA D 199 -12.73 -7.83 -11.92
N MET D 200 -13.40 -8.98 -12.00
CA MET D 200 -13.83 -9.52 -13.28
C MET D 200 -14.86 -8.59 -13.91
N VAL D 201 -14.55 -8.06 -15.08
CA VAL D 201 -15.52 -7.24 -15.81
C VAL D 201 -16.33 -8.17 -16.69
N ARG D 202 -17.59 -8.40 -16.30
CA ARG D 202 -18.40 -9.39 -17.00
C ARG D 202 -18.83 -8.90 -18.38
N ALA D 203 -19.00 -7.60 -18.56
CA ALA D 203 -19.38 -7.02 -19.85
C ALA D 203 -19.17 -5.52 -19.79
N ALA D 204 -19.21 -4.89 -20.96
CA ALA D 204 -19.34 -3.44 -21.07
C ALA D 204 -20.38 -3.20 -22.15
N LEU D 205 -21.45 -2.54 -21.79
CA LEU D 205 -22.58 -2.53 -22.71
C LEU D 205 -22.47 -1.32 -23.63
N PRO D 206 -22.57 -1.53 -24.93
CA PRO D 206 -22.53 -0.41 -25.87
C PRO D 206 -23.57 0.65 -25.54
N ALA D 207 -23.15 1.90 -25.60
CA ALA D 207 -24.05 3.02 -25.35
C ALA D 207 -25.24 3.00 -26.30
N GLY D 208 -26.34 3.62 -25.88
CA GLY D 208 -27.55 3.56 -26.69
C GLY D 208 -28.21 2.21 -26.78
N ALA D 209 -27.77 1.24 -25.98
CA ALA D 209 -28.40 -0.06 -25.99
C ALA D 209 -29.90 0.02 -25.69
N ALA D 210 -30.36 1.12 -25.09
CA ALA D 210 -31.77 1.21 -24.75
C ALA D 210 -32.65 1.46 -25.95
N SER D 211 -32.06 1.82 -27.09
CA SER D 211 -32.81 2.16 -28.29
C SER D 211 -32.89 1.01 -29.28
N LEU D 212 -32.15 -0.06 -29.07
CA LEU D 212 -32.27 -1.22 -29.94
C LEU D 212 -33.65 -1.83 -29.79
N ASP D 213 -34.18 -2.36 -30.90
CA ASP D 213 -35.37 -3.18 -30.80
C ASP D 213 -35.01 -4.52 -30.16
N ALA D 214 -36.06 -5.28 -29.80
CA ALA D 214 -35.87 -6.48 -29.00
C ALA D 214 -34.93 -7.47 -29.68
N GLY D 215 -35.00 -7.60 -31.00
CA GLY D 215 -34.12 -8.52 -31.70
C GLY D 215 -32.67 -8.10 -31.67
N ASP D 216 -32.41 -6.79 -31.87
CA ASP D 216 -31.05 -6.28 -31.76
C ASP D 216 -30.55 -6.31 -30.32
N PHE D 217 -31.39 -5.87 -29.37
CA PHE D 217 -31.01 -5.88 -27.97
C PHE D 217 -30.57 -7.28 -27.54
N ALA D 218 -31.38 -8.29 -27.87
CA ALA D 218 -31.04 -9.65 -27.49
C ALA D 218 -29.73 -10.10 -28.11
N ALA D 219 -29.41 -9.57 -29.30
CA ALA D 219 -28.14 -9.89 -29.95
C ALA D 219 -26.98 -9.24 -29.25
N MET D 220 -27.14 -7.95 -28.91
CA MET D 220 -26.14 -7.22 -28.13
C MET D 220 -25.84 -7.96 -26.82
N SER D 221 -26.89 -8.34 -26.10
CA SER D 221 -26.75 -9.00 -24.81
C SER D 221 -25.94 -10.29 -24.94
N ALA D 222 -26.28 -11.12 -25.93
CA ALA D 222 -25.56 -12.39 -26.07
C ALA D 222 -24.10 -12.18 -26.42
N ALA D 223 -23.80 -11.16 -27.23
CA ALA D 223 -22.41 -10.76 -27.42
C ALA D 223 -21.76 -10.34 -26.11
N ALA D 224 -22.52 -9.59 -25.29
CA ALA D 224 -21.93 -8.80 -24.21
C ALA D 224 -21.35 -9.66 -23.09
N PHE D 225 -21.99 -10.77 -22.74
CA PHE D 225 -21.53 -11.61 -21.64
C PHE D 225 -20.95 -12.92 -22.15
N ASP D 226 -19.95 -13.43 -21.41
CA ASP D 226 -19.40 -14.76 -21.64
C ASP D 226 -20.45 -15.80 -21.29
N ARG D 227 -21.05 -16.41 -22.31
CA ARG D 227 -22.10 -17.42 -22.16
C ARG D 227 -21.70 -18.57 -21.23
N ASN D 228 -20.41 -18.68 -20.91
CA ASN D 228 -19.99 -19.67 -19.91
C ASN D 228 -20.23 -19.16 -18.49
N TRP D 229 -19.88 -17.89 -18.21
CA TRP D 229 -20.19 -17.31 -16.92
C TRP D 229 -21.69 -17.27 -16.69
N VAL D 230 -22.44 -16.75 -17.67
CA VAL D 230 -23.90 -16.63 -17.58
C VAL D 230 -24.53 -17.98 -17.30
N ALA D 231 -24.16 -19.01 -18.06
CA ALA D 231 -24.73 -20.35 -17.86
C ALA D 231 -24.39 -20.91 -16.49
N GLY D 232 -23.20 -20.58 -15.96
CA GLY D 232 -22.78 -21.10 -14.68
C GLY D 232 -23.52 -20.54 -13.49
N LEU D 233 -24.24 -19.43 -13.67
CA LEU D 233 -25.07 -18.89 -12.61
C LEU D 233 -26.21 -19.83 -12.21
N VAL D 234 -26.47 -20.87 -13.02
CA VAL D 234 -27.45 -21.95 -12.77
C VAL D 234 -28.69 -21.47 -12.03
S SO4 E . 15.35 -15.17 15.61
O1 SO4 E . 16.29 -16.05 14.92
O2 SO4 E . 14.14 -15.94 15.92
O3 SO4 E . 15.96 -14.62 16.82
O4 SO4 E . 15.02 -14.08 14.70
S SO4 F . 20.02 1.99 8.57
O1 SO4 F . 20.11 1.06 7.42
O2 SO4 F . 19.11 1.58 9.63
O3 SO4 F . 21.31 2.14 9.26
O4 SO4 F . 19.56 3.26 8.02
O5' CTN G . 17.23 -12.07 19.43
C5' CTN G . 17.18 -13.49 19.59
C4' CTN G . 17.85 -13.94 20.87
O4' CTN G . 17.66 -12.96 21.90
C1' CTN G . 16.70 -13.42 22.85
N1 CTN G . 15.66 -12.37 22.99
C6 CTN G . 15.25 -11.78 21.88
C5 CTN G . 14.32 -10.81 21.91
C4 CTN G . 13.78 -10.41 23.09
N3 CTN G . 14.18 -11.00 24.20
C2 CTN G . 15.12 -11.97 24.18
O2 CTN G . 15.44 -12.45 25.21
N4 CTN G . 12.78 -9.37 23.10
C2' CTN G . 16.17 -14.77 22.35
O2' CTN G . 15.90 -15.65 23.41
C3' CTN G . 17.31 -15.25 21.44
O3' CTN G . 18.32 -15.89 22.22
S SO4 H . 31.71 -1.06 5.69
O1 SO4 H . 30.83 -1.99 5.00
O2 SO4 H . 30.93 -0.29 6.66
O3 SO4 H . 32.72 -1.80 6.45
O4 SO4 H . 32.30 -0.18 4.71
S SO4 I . 20.87 -17.24 4.95
O1 SO4 I . 20.49 -18.28 3.99
O2 SO4 I . 20.51 -17.65 6.31
O3 SO4 I . 22.31 -17.03 4.84
O4 SO4 I . 20.12 -16.05 4.58
O5' CTN J . 34.15 -3.64 8.17
C5' CTN J . 34.56 -3.50 9.53
C4' CTN J . 36.03 -3.17 9.60
O4' CTN J . 36.81 -4.38 9.39
C1' CTN J . 38.02 -4.05 8.74
N1 CTN J . 38.18 -4.95 7.56
C6 CTN J . 37.16 -5.23 6.75
C5 CTN J . 37.37 -6.05 5.70
C4 CTN J . 38.59 -6.61 5.46
N3 CTN J . 39.61 -6.33 6.26
C2 CTN J . 39.40 -5.51 7.31
O2 CTN J . 40.30 -5.27 8.03
N4 CTN J . 38.80 -7.52 4.34
C2' CTN J . 37.99 -2.56 8.39
O2' CTN J . 38.70 -1.86 9.39
C3' CTN J . 36.51 -2.22 8.51
O3' CTN J . 36.27 -0.87 8.84
S SO4 K . -13.05 19.59 -6.86
O1 SO4 K . -12.65 18.64 -7.88
O2 SO4 K . -13.79 18.91 -5.80
O3 SO4 K . -11.84 20.21 -6.30
O4 SO4 K . -13.93 20.62 -7.37
S SO4 L . -29.10 8.80 -2.74
O1 SO4 L . -29.82 8.60 -4.00
O2 SO4 L . -29.79 8.06 -1.69
O3 SO4 L . -27.77 8.24 -2.88
O4 SO4 L . -29.04 10.23 -2.47
O5' CTN M . -16.97 22.71 -8.94
C5' CTN M . -16.49 23.08 -10.22
C4' CTN M . -15.98 24.50 -10.23
O4' CTN M . -17.03 25.37 -9.74
C1' CTN M . -16.48 26.43 -8.99
N1 CTN M . -17.17 26.43 -7.68
C6 CTN M . -17.34 25.33 -6.95
C5 CTN M . -18.00 25.41 -5.77
C4 CTN M . -18.48 26.61 -5.32
N3 CTN M . -18.31 27.69 -6.07
C2 CTN M . -17.66 27.61 -7.26
O2 CTN M . -17.50 28.57 -7.94
N4 CTN M . -19.20 26.73 -4.06
C2' CTN M . -14.97 26.23 -8.87
O2' CTN M . -14.32 27.12 -9.76
C3' CTN M . -14.78 24.78 -9.33
O3' CTN M . -13.55 24.56 -10.00
S SO4 N . -29.71 3.82 -13.90
O1 SO4 N . -30.42 2.57 -14.05
O2 SO4 N . -30.51 4.71 -13.05
O3 SO4 N . -28.43 3.59 -13.27
O4 SO4 N . -29.49 4.44 -15.20
S SO4 O . -11.13 7.88 -10.01
O1 SO4 O . -11.71 7.06 -11.06
O2 SO4 O . -11.96 7.79 -8.81
O3 SO4 O . -9.79 7.39 -9.69
O4 SO4 O . -11.08 9.29 -10.42
O5' CTN P . -27.91 5.76 -18.21
C5' CTN P . -29.25 6.23 -18.05
C4' CTN P . -29.93 6.47 -19.38
O4' CTN P . -29.04 6.09 -20.47
C1' CTN P . -29.65 5.10 -21.29
N1 CTN P . -28.65 4.02 -21.54
C6 CTN P . -27.86 3.54 -20.59
C5 CTN P . -26.97 2.55 -20.88
C4 CTN P . -26.91 2.02 -22.14
N3 CTN P . -27.70 2.48 -23.08
C2 CTN P . -28.57 3.48 -22.79
O2 CTN P . -29.27 3.88 -23.63
N4 CTN P . -25.98 0.96 -22.47
C2' CTN P . -30.89 4.59 -20.54
O2' CTN P . -31.91 4.25 -21.44
C3' CTN P . -31.25 5.75 -19.60
O3' CTN P . -32.19 6.63 -20.22
#